data_4OK6
#
_entry.id   4OK6
#
_cell.length_a   82.146
_cell.length_b   103.321
_cell.length_c   118.724
_cell.angle_alpha   90.000
_cell.angle_beta   90.000
_cell.angle_gamma   90.000
#
_symmetry.space_group_name_H-M   'P 21 21 21'
#
loop_
_entity.id
_entity.type
_entity.pdbx_description
1 polymer 'Serine protease NS3'
2 non-polymer 'CALCIUM ION'
3 non-polymer '[1-(2-methoxy-5-nitrobenzyl)-1H-indol-3-yl]acetic acid'
4 water water
#
_entity_poly.entity_id   1
_entity_poly.type   'polypeptide(L)'
_entity_poly.pdbx_seq_one_letter_code
;MGSSHHHHHHSSGRSPVFTDNSSPPAVPQSFQVAHLHAPTGSGKSTKVPAAYAAQGYKVLVLNPSVAATLGFGAYMSKAH
GVDPNIRTGVRTITTGSPITYSTYGKFLADGGCSGGAYDIIICDECHSTDATSILGIGTVLDQAETAGARLVVLATATPP
GSVTVSHPNIEEVALSTTGEIPFYGKAIPLEVIKGGRHLIFCHSKKKCDELAAKLVALGINAVAYYRGLDVSVIPTNGDV
VVVSTDALMTGFTGDFDSVIDCNTCVTQTVDFSLDPTFTIETTTLPQDAVSRTQRRGRTGRGKPGIYRFVAPGERPSGMF
DSSVLCECYDAGCAWYELMPAETTVRLRAYMNTPGLPVCQDHLEFWEGVFTGLTHIDAHFLSQTKQSGENFPYLVAYQAT
VCARAQAPPPSWDQMWKCLIRLKPTLHGPTPLLYRLGAVQNEVTLTHPITKYIMTCMSADLEVV
;
_entity_poly.pdbx_strand_id   A,B
#
# COMPACT_ATOMS: atom_id res chain seq x y z
N THR A 19 -7.87 -8.67 22.94
CA THR A 19 -6.81 -9.22 23.80
C THR A 19 -5.70 -9.93 22.99
N ASP A 20 -4.54 -9.27 22.89
CA ASP A 20 -3.40 -9.77 22.09
C ASP A 20 -2.43 -10.62 22.94
N ASN A 21 -1.79 -11.62 22.31
CA ASN A 21 -0.86 -12.53 23.03
C ASN A 21 -0.04 -13.47 22.14
N SER A 22 0.98 -14.09 22.73
CA SER A 22 1.81 -15.07 22.03
C SER A 22 1.47 -16.51 22.43
N SER A 23 0.62 -16.66 23.44
CA SER A 23 0.18 -17.99 23.88
C SER A 23 -1.33 -18.14 23.65
N PRO A 24 -1.81 -19.39 23.49
CA PRO A 24 -3.23 -19.72 23.36
C PRO A 24 -4.12 -19.19 24.47
N PRO A 25 -4.88 -18.12 24.22
CA PRO A 25 -5.75 -17.48 25.22
C PRO A 25 -6.76 -18.45 25.79
N ALA A 26 -6.85 -18.54 27.12
CA ALA A 26 -7.83 -19.43 27.74
C ALA A 26 -9.27 -18.98 27.42
N VAL A 27 -10.20 -19.91 27.49
CA VAL A 27 -11.58 -19.62 27.13
C VAL A 27 -12.25 -18.77 28.21
N PRO A 28 -12.71 -17.58 27.84
CA PRO A 28 -13.33 -16.70 28.84
C PRO A 28 -14.73 -17.21 29.14
N GLN A 29 -15.36 -16.64 30.16
CA GLN A 29 -16.70 -17.09 30.52
C GLN A 29 -17.76 -16.48 29.60
N SER A 30 -17.47 -15.29 29.06
CA SER A 30 -18.32 -14.65 28.06
C SER A 30 -17.50 -14.22 26.83
N PHE A 31 -18.20 -13.80 25.75
CA PHE A 31 -17.59 -13.71 24.42
C PHE A 31 -16.45 -12.70 24.25
N GLN A 32 -15.34 -13.18 23.71
CA GLN A 32 -14.19 -12.34 23.40
C GLN A 32 -13.54 -12.68 22.06
N VAL A 33 -12.92 -11.68 21.48
CA VAL A 33 -12.10 -11.84 20.30
C VAL A 33 -10.65 -11.65 20.68
N ALA A 34 -9.83 -12.65 20.44
CA ALA A 34 -8.44 -12.62 20.86
C ALA A 34 -7.44 -12.79 19.71
N HIS A 35 -6.34 -12.07 19.77
CA HIS A 35 -5.32 -12.16 18.76
C HIS A 35 -4.27 -13.16 19.20
N LEU A 36 -3.94 -14.10 18.31
CA LEU A 36 -2.85 -15.05 18.56
C LEU A 36 -1.73 -14.90 17.55
N HIS A 37 -0.60 -14.42 18.04
CA HIS A 37 0.54 -14.19 17.18
C HIS A 37 1.62 -15.18 17.59
N ALA A 38 1.78 -16.25 16.82
CA ALA A 38 2.75 -17.29 17.17
C ALA A 38 3.36 -17.86 15.91
N PRO A 39 4.64 -18.32 16.01
CA PRO A 39 5.37 -18.93 14.89
C PRO A 39 4.59 -20.01 14.16
N THR A 40 4.95 -20.24 12.89
CA THR A 40 4.11 -21.01 11.96
C THR A 40 3.97 -22.50 12.34
N GLY A 41 5.11 -23.18 12.54
CA GLY A 41 5.13 -24.60 12.84
C GLY A 41 4.62 -24.94 14.23
N SER A 42 4.70 -23.97 15.14
CA SER A 42 4.30 -24.15 16.54
C SER A 42 2.80 -24.41 16.72
N GLY A 43 2.25 -25.22 15.82
CA GLY A 43 0.95 -25.84 15.98
C GLY A 43 -0.24 -24.95 16.27
N LYS A 44 -0.26 -23.76 15.70
CA LYS A 44 -1.41 -22.87 15.91
C LYS A 44 -2.63 -23.57 15.32
N SER A 45 -2.42 -24.31 14.23
CA SER A 45 -3.50 -24.99 13.53
C SER A 45 -3.73 -26.41 14.04
N THR A 46 -2.81 -26.94 14.84
CA THR A 46 -2.93 -28.33 15.28
C THR A 46 -2.88 -28.47 16.80
N LYS A 47 -1.79 -28.04 17.41
CA LYS A 47 -1.63 -28.06 18.86
C LYS A 47 -2.68 -27.22 19.61
N VAL A 48 -2.93 -26.01 19.13
CA VAL A 48 -3.95 -25.16 19.75
C VAL A 48 -5.39 -25.73 19.72
N PRO A 49 -5.88 -26.21 18.56
CA PRO A 49 -7.23 -26.80 18.56
C PRO A 49 -7.33 -28.09 19.40
N ALA A 50 -6.26 -28.89 19.41
CA ALA A 50 -6.24 -30.13 20.17
C ALA A 50 -6.34 -29.85 21.67
N ALA A 51 -5.64 -28.80 22.11
CA ALA A 51 -5.62 -28.47 23.51
C ALA A 51 -6.98 -27.90 23.91
N TYR A 52 -7.61 -27.17 23.00
CA TYR A 52 -8.95 -26.68 23.27
C TYR A 52 -9.90 -27.86 23.32
N ALA A 53 -9.63 -28.88 22.52
CA ALA A 53 -10.56 -29.99 22.45
C ALA A 53 -10.43 -30.84 23.71
N ALA A 54 -9.20 -31.01 24.17
CA ALA A 54 -8.93 -31.80 25.37
C ALA A 54 -9.59 -31.17 26.59
N GLN A 55 -9.91 -29.88 26.51
CA GLN A 55 -10.70 -29.27 27.56
C GLN A 55 -12.21 -29.47 27.36
N GLY A 56 -12.61 -30.14 26.28
CA GLY A 56 -14.01 -30.46 26.09
C GLY A 56 -14.81 -29.46 25.25
N TYR A 57 -14.10 -28.58 24.56
CA TYR A 57 -14.72 -27.62 23.67
C TYR A 57 -14.89 -28.15 22.25
N LYS A 58 -15.96 -27.74 21.58
CA LYS A 58 -16.09 -27.94 20.16
C LYS A 58 -15.37 -26.78 19.49
N VAL A 59 -14.49 -27.08 18.54
CA VAL A 59 -13.62 -26.06 17.97
C VAL A 59 -13.57 -26.10 16.43
N LEU A 60 -13.65 -24.93 15.82
CA LEU A 60 -13.59 -24.79 14.37
C LEU A 60 -12.31 -24.04 13.97
N VAL A 61 -11.63 -24.60 12.98
CA VAL A 61 -10.33 -24.09 12.51
C VAL A 61 -10.46 -23.72 11.04
N LEU A 62 -10.42 -22.42 10.75
CA LEU A 62 -10.59 -21.93 9.40
C LEU A 62 -9.27 -21.58 8.72
N ASN A 63 -9.11 -22.10 7.51
CA ASN A 63 -7.95 -21.77 6.66
C ASN A 63 -8.32 -21.33 5.25
N PRO A 64 -7.46 -20.50 4.61
CA PRO A 64 -7.73 -20.10 3.22
C PRO A 64 -7.53 -21.28 2.25
N SER A 65 -6.53 -22.10 2.53
CA SER A 65 -6.13 -23.19 1.63
C SER A 65 -6.87 -24.52 1.86
N VAL A 66 -7.36 -25.09 0.75
CA VAL A 66 -7.96 -26.41 0.72
C VAL A 66 -6.93 -27.50 1.04
N ALA A 67 -5.70 -27.36 0.54
CA ALA A 67 -4.68 -28.36 0.81
C ALA A 67 -4.27 -28.33 2.27
N ALA A 68 -4.22 -27.14 2.84
CA ALA A 68 -3.89 -26.99 4.25
C ALA A 68 -4.97 -27.67 5.07
N THR A 69 -6.22 -27.26 4.83
CA THR A 69 -7.37 -27.82 5.53
C THR A 69 -7.30 -29.33 5.50
N LEU A 70 -7.15 -29.88 4.29
CA LEU A 70 -7.11 -31.34 4.10
C LEU A 70 -5.87 -31.93 4.77
N GLY A 71 -4.79 -31.15 4.78
CA GLY A 71 -3.53 -31.58 5.36
C GLY A 71 -3.46 -31.60 6.88
N PHE A 72 -4.26 -30.75 7.53
CA PHE A 72 -4.39 -30.77 8.99
C PHE A 72 -5.16 -31.97 9.45
N GLY A 73 -6.21 -32.29 8.71
CA GLY A 73 -7.03 -33.45 9.02
C GLY A 73 -6.17 -34.69 8.94
N ALA A 74 -5.46 -34.79 7.82
CA ALA A 74 -4.53 -35.88 7.60
C ALA A 74 -3.56 -36.02 8.76
N TYR A 75 -2.82 -34.97 9.05
CA TYR A 75 -1.81 -34.98 10.11
C TYR A 75 -2.38 -35.51 11.43
N MET A 76 -3.50 -34.95 11.87
CA MET A 76 -4.16 -35.33 13.12
C MET A 76 -4.60 -36.80 13.13
N SER A 77 -4.86 -37.36 11.96
CA SER A 77 -5.17 -38.79 11.87
C SER A 77 -3.89 -39.62 11.96
N LYS A 78 -2.88 -39.28 11.16
CA LYS A 78 -1.67 -40.07 11.09
C LYS A 78 -0.96 -40.13 12.43
N ALA A 79 -1.02 -39.05 13.21
CA ALA A 79 -0.04 -38.87 14.30
C ALA A 79 -0.61 -38.70 15.70
N HIS A 80 -1.89 -39.00 15.90
CA HIS A 80 -2.70 -38.28 16.84
C HIS A 80 -3.98 -39.01 17.02
N GLY A 81 -4.31 -39.86 16.03
CA GLY A 81 -5.44 -40.76 16.15
C GLY A 81 -6.75 -40.02 16.23
N VAL A 82 -6.74 -38.77 15.78
CA VAL A 82 -7.92 -37.94 15.78
C VAL A 82 -8.38 -37.77 14.35
N ASP A 83 -9.64 -38.10 14.11
CA ASP A 83 -10.22 -37.94 12.80
C ASP A 83 -11.18 -36.75 12.81
N PRO A 84 -10.68 -35.58 12.40
CA PRO A 84 -11.52 -34.38 12.54
C PRO A 84 -12.64 -34.41 11.52
N ASN A 85 -13.63 -33.55 11.70
CA ASN A 85 -14.47 -33.20 10.57
C ASN A 85 -13.66 -32.34 9.62
N ILE A 86 -13.71 -32.65 8.33
CA ILE A 86 -12.99 -31.92 7.29
C ILE A 86 -13.98 -31.32 6.30
N ARG A 87 -13.97 -30.00 6.10
CA ARG A 87 -14.98 -29.38 5.27
C ARG A 87 -14.42 -28.43 4.23
N THR A 88 -14.39 -28.92 2.99
CA THR A 88 -13.87 -28.17 1.84
C THR A 88 -14.90 -28.28 0.73
N GLY A 89 -14.72 -27.49 -0.33
CA GLY A 89 -15.63 -27.54 -1.47
C GLY A 89 -15.60 -28.91 -2.14
N VAL A 90 -14.40 -29.37 -2.42
CA VAL A 90 -14.15 -30.63 -3.10
C VAL A 90 -14.52 -31.84 -2.24
N ARG A 91 -14.20 -31.78 -0.94
CA ARG A 91 -14.38 -32.94 -0.08
C ARG A 91 -14.84 -32.58 1.33
N THR A 92 -15.94 -33.22 1.74
CA THR A 92 -16.49 -33.05 3.07
C THR A 92 -16.57 -34.37 3.83
N ILE A 93 -15.95 -34.42 5.01
CA ILE A 93 -16.02 -35.58 5.90
C ILE A 93 -16.60 -35.20 7.27
N THR A 94 -17.63 -35.91 7.69
CA THR A 94 -18.20 -35.73 9.02
C THR A 94 -17.91 -36.97 9.88
N THR A 95 -17.16 -36.77 10.98
CA THR A 95 -16.81 -37.86 11.90
C THR A 95 -17.36 -37.62 13.32
N GLY A 96 -17.85 -36.41 13.58
CA GLY A 96 -18.38 -36.08 14.88
C GLY A 96 -17.37 -35.58 15.91
N SER A 97 -16.09 -35.58 15.54
CA SER A 97 -15.01 -35.02 16.38
C SER A 97 -15.34 -33.60 16.84
N PRO A 98 -14.81 -33.19 18.01
CA PRO A 98 -15.04 -31.82 18.46
C PRO A 98 -14.26 -30.84 17.60
N ILE A 99 -13.31 -31.35 16.81
CA ILE A 99 -12.46 -30.51 15.97
C ILE A 99 -12.91 -30.55 14.52
N THR A 100 -13.29 -29.38 13.99
CA THR A 100 -13.61 -29.24 12.57
C THR A 100 -12.55 -28.41 11.86
N TYR A 101 -12.07 -28.90 10.72
CA TYR A 101 -11.29 -28.07 9.82
C TYR A 101 -12.11 -27.72 8.60
N SER A 102 -12.11 -26.44 8.25
CA SER A 102 -12.84 -25.95 7.10
C SER A 102 -12.09 -24.81 6.42
N THR A 103 -12.31 -24.66 5.13
CA THR A 103 -11.84 -23.48 4.45
C THR A 103 -12.81 -22.36 4.72
N TYR A 104 -12.32 -21.14 4.60
CA TYR A 104 -13.14 -19.96 4.72
C TYR A 104 -14.29 -20.03 3.74
N GLY A 105 -13.98 -20.43 2.50
CA GLY A 105 -14.96 -20.45 1.44
C GLY A 105 -16.04 -21.49 1.66
N LYS A 106 -15.68 -22.60 2.29
CA LYS A 106 -16.68 -23.62 2.54
C LYS A 106 -17.55 -23.22 3.72
N PHE A 107 -16.92 -22.60 4.72
CA PHE A 107 -17.65 -21.99 5.84
C PHE A 107 -18.68 -20.98 5.34
N LEU A 108 -18.31 -20.14 4.37
CA LEU A 108 -19.27 -19.22 3.77
C LEU A 108 -20.40 -19.95 3.07
N ALA A 109 -20.10 -21.01 2.32
CA ALA A 109 -21.14 -21.81 1.64
C ALA A 109 -22.09 -22.47 2.63
N ASP A 110 -21.55 -22.94 3.74
CA ASP A 110 -22.35 -23.53 4.82
C ASP A 110 -23.28 -22.51 5.50
N GLY A 111 -23.17 -21.23 5.15
CA GLY A 111 -24.02 -20.18 5.71
C GLY A 111 -23.37 -19.44 6.88
N GLY A 112 -22.10 -19.73 7.11
CA GLY A 112 -21.39 -19.14 8.23
C GLY A 112 -21.64 -19.88 9.54
N CYS A 113 -21.93 -19.10 10.58
CA CYS A 113 -22.16 -19.64 11.93
C CYS A 113 -23.58 -20.21 12.09
N SER A 114 -23.63 -21.49 12.42
CA SER A 114 -24.89 -22.13 12.74
C SER A 114 -25.01 -22.25 14.25
N GLY A 115 -26.16 -21.83 14.80
CA GLY A 115 -26.40 -21.80 16.23
C GLY A 115 -25.81 -22.93 17.06
N GLY A 116 -25.05 -22.56 18.09
CA GLY A 116 -24.59 -23.49 19.10
C GLY A 116 -23.55 -24.53 18.70
N ALA A 117 -23.11 -24.51 17.44
CA ALA A 117 -22.28 -25.58 16.91
C ALA A 117 -20.86 -25.61 17.48
N TYR A 118 -20.25 -24.45 17.66
CA TYR A 118 -18.85 -24.39 18.10
C TYR A 118 -18.70 -23.51 19.32
N ASP A 119 -17.78 -23.89 20.21
CA ASP A 119 -17.51 -23.05 21.38
C ASP A 119 -16.45 -22.02 20.98
N ILE A 120 -15.54 -22.46 20.13
CA ILE A 120 -14.38 -21.65 19.72
C ILE A 120 -14.20 -21.66 18.19
N ILE A 121 -13.91 -20.50 17.62
CA ILE A 121 -13.62 -20.43 16.22
C ILE A 121 -12.25 -19.83 16.01
N ILE A 122 -11.34 -20.61 15.45
CA ILE A 122 -10.00 -20.12 15.17
C ILE A 122 -9.92 -19.65 13.70
N CYS A 123 -9.79 -18.35 13.48
CA CYS A 123 -9.47 -17.86 12.15
C CYS A 123 -7.98 -17.95 11.94
N ASP A 124 -7.54 -19.04 11.32
CA ASP A 124 -6.12 -19.24 11.07
C ASP A 124 -5.65 -18.48 9.83
N GLU A 125 -4.37 -18.15 9.79
CA GLU A 125 -3.81 -17.29 8.76
C GLU A 125 -4.62 -16.02 8.58
N CYS A 126 -5.06 -15.42 9.69
CA CYS A 126 -5.95 -14.26 9.64
C CYS A 126 -5.30 -13.03 9.00
N HIS A 127 -4.03 -13.14 8.67
CA HIS A 127 -3.34 -12.13 7.84
C HIS A 127 -3.65 -12.27 6.33
N SER A 128 -4.36 -13.32 5.92
CA SER A 128 -4.71 -13.49 4.50
C SER A 128 -5.59 -12.35 3.94
N THR A 129 -5.22 -11.82 2.79
CA THR A 129 -6.04 -10.78 2.18
C THR A 129 -6.70 -11.22 0.87
N ASP A 130 -6.86 -12.51 0.67
CA ASP A 130 -7.76 -12.94 -0.41
C ASP A 130 -9.22 -12.76 -0.01
N ALA A 131 -10.07 -12.54 -1.02
CA ALA A 131 -11.48 -12.18 -0.81
C ALA A 131 -12.21 -13.07 0.21
N THR A 132 -12.15 -14.39 0.03
CA THR A 132 -12.84 -15.31 0.95
C THR A 132 -12.35 -15.24 2.42
N SER A 133 -11.06 -15.08 2.65
CA SER A 133 -10.57 -14.99 4.01
C SER A 133 -11.19 -13.79 4.70
N ILE A 134 -11.22 -12.67 3.99
CA ILE A 134 -11.69 -11.45 4.56
C ILE A 134 -13.23 -11.48 4.78
N LEU A 135 -13.98 -11.94 3.77
CA LEU A 135 -15.42 -12.13 3.92
C LEU A 135 -15.71 -13.19 5.01
N GLY A 136 -14.89 -14.23 5.04
CA GLY A 136 -15.03 -15.30 6.04
C GLY A 136 -14.81 -14.82 7.47
N ILE A 137 -13.71 -14.12 7.69
CA ILE A 137 -13.37 -13.61 9.01
C ILE A 137 -14.43 -12.58 9.45
N GLY A 138 -14.80 -11.70 8.53
CA GLY A 138 -15.85 -10.74 8.76
C GLY A 138 -17.14 -11.43 9.21
N THR A 139 -17.46 -12.56 8.58
CA THR A 139 -18.69 -13.29 8.90
C THR A 139 -18.62 -13.87 10.33
N VAL A 140 -17.48 -14.46 10.68
CA VAL A 140 -17.25 -14.96 12.05
C VAL A 140 -17.39 -13.84 13.08
N LEU A 141 -16.77 -12.69 12.82
CA LEU A 141 -16.79 -11.56 13.74
C LEU A 141 -18.20 -10.92 13.85
N ASP A 142 -18.99 -10.97 12.78
CA ASP A 142 -20.37 -10.52 12.87
C ASP A 142 -21.29 -11.54 13.56
N GLN A 143 -20.99 -12.83 13.49
CA GLN A 143 -21.97 -13.84 13.86
C GLN A 143 -21.62 -14.75 15.04
N ALA A 144 -20.34 -14.86 15.38
CA ALA A 144 -19.94 -15.87 16.37
C ALA A 144 -20.61 -15.68 17.72
N GLU A 145 -20.70 -14.45 18.22
CA GLU A 145 -21.29 -14.27 19.54
C GLU A 145 -22.75 -14.71 19.56
N THR A 146 -23.51 -14.24 18.58
CA THR A 146 -24.92 -14.61 18.41
C THR A 146 -25.11 -16.11 18.24
N ALA A 147 -24.17 -16.79 17.59
CA ALA A 147 -24.28 -18.24 17.41
C ALA A 147 -23.81 -19.08 18.62
N GLY A 148 -23.46 -18.43 19.71
CA GLY A 148 -23.10 -19.14 20.94
C GLY A 148 -21.64 -19.51 21.09
N ALA A 149 -20.77 -18.98 20.24
CA ALA A 149 -19.33 -19.13 20.45
C ALA A 149 -18.92 -18.32 21.67
N ARG A 150 -17.92 -18.82 22.41
CA ARG A 150 -17.33 -18.05 23.50
C ARG A 150 -16.06 -17.32 23.08
N LEU A 151 -15.33 -17.90 22.14
CA LEU A 151 -14.02 -17.40 21.77
C LEU A 151 -13.77 -17.42 20.26
N VAL A 152 -13.39 -16.26 19.75
CA VAL A 152 -12.83 -16.16 18.42
C VAL A 152 -11.34 -15.87 18.55
N VAL A 153 -10.52 -16.66 17.86
CA VAL A 153 -9.08 -16.45 17.87
C VAL A 153 -8.54 -16.04 16.49
N LEU A 154 -7.93 -14.87 16.41
CA LEU A 154 -7.40 -14.36 15.14
C LEU A 154 -5.90 -14.67 15.06
N ALA A 155 -5.59 -15.79 14.40
CA ALA A 155 -4.24 -16.37 14.42
C ALA A 155 -3.41 -16.15 13.14
N THR A 156 -2.20 -15.66 13.32
CA THR A 156 -1.26 -15.53 12.26
C THR A 156 0.12 -15.56 12.86
N ALA A 157 1.12 -15.92 12.05
CA ALA A 157 2.51 -15.68 12.43
C ALA A 157 2.90 -14.21 12.15
N THR A 158 2.20 -13.59 11.21
CA THR A 158 2.62 -12.28 10.71
C THR A 158 1.49 -11.26 10.80
N PRO A 159 1.31 -10.68 12.00
CA PRO A 159 0.34 -9.60 12.23
C PRO A 159 0.71 -8.34 11.43
N PRO A 160 -0.25 -7.42 11.25
CA PRO A 160 -0.02 -6.15 10.55
C PRO A 160 1.24 -5.45 11.04
N GLY A 161 2.08 -4.99 10.12
CA GLY A 161 3.28 -4.31 10.53
C GLY A 161 4.52 -5.18 10.47
N SER A 162 4.33 -6.50 10.49
CA SER A 162 5.42 -7.47 10.37
C SER A 162 6.39 -7.22 9.23
N VAL A 163 7.67 -7.39 9.55
CA VAL A 163 8.74 -7.47 8.58
C VAL A 163 9.41 -8.84 8.71
N THR A 164 10.10 -9.29 7.67
CA THR A 164 10.87 -10.54 7.72
C THR A 164 12.04 -10.48 8.70
N VAL A 165 12.33 -11.61 9.34
CA VAL A 165 13.42 -11.64 10.29
C VAL A 165 14.48 -12.65 9.90
N SER A 166 15.55 -12.66 10.69
CA SER A 166 16.63 -13.61 10.55
C SER A 166 16.15 -15.06 10.58
N HIS A 167 16.67 -15.87 9.67
CA HIS A 167 16.46 -17.31 9.76
C HIS A 167 17.78 -17.99 10.13
N PRO A 168 17.78 -18.72 11.27
CA PRO A 168 18.93 -19.47 11.78
C PRO A 168 19.65 -20.23 10.68
N ASN A 169 18.86 -20.91 9.86
CA ASN A 169 19.36 -21.92 8.96
C ASN A 169 19.28 -21.48 7.49
N ILE A 170 19.13 -20.18 7.25
CA ILE A 170 19.11 -19.67 5.88
C ILE A 170 20.20 -18.63 5.60
N GLU A 171 21.02 -18.97 4.60
CA GLU A 171 21.97 -18.08 3.92
C GLU A 171 21.26 -16.90 3.24
N GLU A 172 21.61 -15.68 3.62
CA GLU A 172 21.08 -14.52 2.91
C GLU A 172 22.20 -13.58 2.56
N VAL A 173 22.61 -13.55 1.30
CA VAL A 173 23.65 -12.60 0.98
C VAL A 173 23.25 -11.82 -0.27
N ALA A 174 23.36 -10.50 -0.14
CA ALA A 174 23.05 -9.54 -1.19
C ALA A 174 23.62 -9.96 -2.52
N LEU A 175 22.85 -9.83 -3.57
CA LEU A 175 23.37 -10.15 -4.88
C LEU A 175 23.73 -8.85 -5.58
N SER A 176 24.99 -8.77 -6.00
CA SER A 176 25.59 -7.54 -6.50
C SER A 176 25.60 -7.42 -8.02
N THR A 177 26.15 -6.28 -8.46
CA THR A 177 26.25 -5.89 -9.87
C THR A 177 26.85 -6.99 -10.75
N THR A 178 27.87 -7.66 -10.21
CA THR A 178 28.72 -8.56 -10.99
C THR A 178 28.17 -9.98 -11.06
N GLY A 179 28.18 -10.54 -12.27
CA GLY A 179 27.65 -11.86 -12.51
C GLY A 179 27.32 -12.00 -13.98
N GLU A 180 26.85 -13.18 -14.37
CA GLU A 180 26.78 -13.54 -15.78
C GLU A 180 25.40 -13.69 -16.37
N ILE A 181 24.37 -13.43 -15.58
CA ILE A 181 23.03 -13.60 -16.14
C ILE A 181 22.30 -12.27 -15.93
N PRO A 182 21.39 -11.91 -16.86
CA PRO A 182 20.52 -10.73 -16.61
C PRO A 182 19.37 -11.14 -15.70
N PHE A 183 19.42 -10.81 -14.42
CA PHE A 183 18.28 -11.11 -13.58
C PHE A 183 17.31 -9.92 -13.53
N TYR A 184 17.38 -9.11 -12.48
CA TYR A 184 16.41 -8.01 -12.36
C TYR A 184 17.19 -6.73 -12.14
N GLY A 185 18.02 -6.40 -13.13
CA GLY A 185 18.92 -5.26 -13.03
C GLY A 185 20.15 -5.65 -12.24
N LYS A 186 20.16 -6.88 -11.75
CA LYS A 186 21.32 -7.40 -11.04
C LYS A 186 21.74 -8.71 -11.72
N ALA A 187 22.66 -9.44 -11.10
CA ALA A 187 23.40 -10.44 -11.85
C ALA A 187 23.74 -11.69 -11.08
N ILE A 188 23.00 -12.77 -11.25
CA ILE A 188 23.43 -13.99 -10.53
C ILE A 188 24.64 -14.60 -11.21
N PRO A 189 25.63 -15.04 -10.44
CA PRO A 189 26.86 -15.53 -11.07
C PRO A 189 26.96 -17.06 -11.16
N LEU A 190 26.96 -17.57 -12.40
CA LEU A 190 27.03 -19.01 -12.76
C LEU A 190 27.02 -20.09 -11.70
N GLU A 191 28.14 -20.21 -10.95
CA GLU A 191 28.34 -21.21 -9.89
C GLU A 191 27.05 -21.68 -9.24
N VAL A 192 26.27 -20.68 -8.87
CA VAL A 192 25.26 -20.78 -7.84
C VAL A 192 24.04 -21.59 -8.24
N ILE A 193 23.89 -21.83 -9.54
CA ILE A 193 22.76 -22.60 -10.04
C ILE A 193 23.26 -23.76 -10.90
N LYS A 194 24.56 -24.00 -10.82
CA LYS A 194 25.15 -25.14 -11.51
C LYS A 194 26.08 -25.89 -10.54
N GLY A 195 25.55 -26.94 -9.92
CA GLY A 195 24.17 -27.33 -10.08
C GLY A 195 23.48 -27.57 -8.74
N GLY A 196 22.57 -28.54 -8.71
CA GLY A 196 21.80 -28.83 -7.52
C GLY A 196 20.33 -28.53 -7.76
N ARG A 197 19.57 -28.33 -6.69
CA ARG A 197 18.16 -27.98 -6.87
C ARG A 197 17.88 -26.54 -6.39
N HIS A 198 17.41 -25.71 -7.32
CA HIS A 198 17.28 -24.28 -7.08
C HIS A 198 15.92 -23.74 -7.54
N LEU A 199 15.37 -22.83 -6.74
CA LEU A 199 14.09 -22.20 -7.07
C LEU A 199 14.29 -20.71 -7.33
N ILE A 200 13.76 -20.24 -8.45
CA ILE A 200 13.90 -18.84 -8.84
C ILE A 200 12.55 -18.20 -9.05
N PHE A 201 12.28 -17.14 -8.30
CA PHE A 201 11.00 -16.40 -8.40
C PHE A 201 11.04 -15.17 -9.34
N CYS A 202 10.10 -15.15 -10.29
CA CYS A 202 9.84 -14.02 -11.19
C CYS A 202 8.40 -13.54 -11.09
N HIS A 203 8.18 -12.25 -11.38
CA HIS A 203 6.87 -11.66 -11.16
C HIS A 203 5.83 -12.13 -12.16
N SER A 204 6.26 -12.59 -13.32
CA SER A 204 5.33 -12.97 -14.39
C SER A 204 5.59 -14.33 -15.05
N LYS A 205 4.52 -14.85 -15.64
CA LYS A 205 4.55 -16.05 -16.49
C LYS A 205 5.54 -15.92 -17.64
N LYS A 206 5.37 -14.90 -18.47
CA LYS A 206 6.29 -14.63 -19.57
C LYS A 206 7.75 -14.65 -19.16
N LYS A 207 8.09 -13.91 -18.10
CA LYS A 207 9.48 -13.84 -17.64
C LYS A 207 9.94 -15.21 -17.18
N CYS A 208 9.02 -16.02 -16.69
CA CYS A 208 9.36 -17.39 -16.31
C CYS A 208 9.73 -18.21 -17.53
N ASP A 209 8.86 -18.17 -18.53
CA ASP A 209 8.93 -19.09 -19.67
C ASP A 209 10.15 -18.86 -20.55
N GLU A 210 10.75 -17.67 -20.45
CA GLU A 210 11.97 -17.44 -21.21
C GLU A 210 13.16 -17.01 -20.36
N LEU A 211 13.01 -17.05 -19.05
CA LEU A 211 14.19 -17.02 -18.20
C LEU A 211 14.79 -18.41 -18.25
N ALA A 212 13.90 -19.39 -18.26
CA ALA A 212 14.28 -20.79 -18.31
C ALA A 212 14.80 -21.16 -19.71
N ALA A 213 14.11 -20.66 -20.73
CA ALA A 213 14.52 -20.86 -22.12
C ALA A 213 16.00 -20.49 -22.31
N LYS A 214 16.42 -19.41 -21.67
CA LYS A 214 17.83 -19.03 -21.63
C LYS A 214 18.65 -20.08 -20.88
N LEU A 215 18.11 -20.61 -19.79
CA LEU A 215 18.82 -21.58 -18.97
C LEU A 215 19.00 -22.91 -19.69
N ILE A 220 22.19 -25.39 -18.21
CA ILE A 220 21.66 -25.92 -16.95
C ILE A 220 20.21 -26.36 -17.12
N ASN A 221 19.83 -27.44 -16.45
CA ASN A 221 18.44 -27.88 -16.44
C ASN A 221 17.54 -26.82 -15.80
N ALA A 222 16.35 -26.63 -16.36
CA ALA A 222 15.43 -25.61 -15.87
C ALA A 222 14.03 -25.75 -16.45
N VAL A 223 13.02 -25.43 -15.63
CA VAL A 223 11.63 -25.59 -16.04
C VAL A 223 10.76 -24.54 -15.36
N ALA A 224 9.77 -24.04 -16.08
CA ALA A 224 8.97 -22.93 -15.60
C ALA A 224 7.65 -23.39 -15.00
N TYR A 225 7.21 -22.66 -13.99
CA TYR A 225 5.92 -22.94 -13.42
C TYR A 225 5.20 -21.64 -13.09
N TYR A 226 3.87 -21.73 -13.15
CA TYR A 226 2.88 -20.68 -13.00
C TYR A 226 1.74 -21.56 -13.44
N ARG A 227 0.48 -21.27 -13.18
CA ARG A 227 -0.28 -22.49 -13.36
C ARG A 227 -1.50 -22.44 -14.30
N GLY A 228 -1.92 -23.64 -14.61
CA GLY A 228 -2.32 -24.13 -15.91
C GLY A 228 -1.52 -25.42 -16.00
N LEU A 229 -0.29 -25.39 -15.49
CA LEU A 229 0.65 -26.53 -15.51
C LEU A 229 0.47 -27.43 -14.27
N ASP A 230 0.86 -28.69 -14.29
CA ASP A 230 0.76 -29.50 -13.06
C ASP A 230 2.03 -29.34 -12.19
N VAL A 231 2.98 -30.27 -12.27
CA VAL A 231 4.29 -30.14 -11.62
C VAL A 231 5.32 -30.81 -12.52
N SER A 232 6.61 -30.52 -12.29
CA SER A 232 7.67 -31.15 -13.05
C SER A 232 8.93 -31.35 -12.21
N VAL A 233 8.80 -32.09 -11.12
CA VAL A 233 9.92 -32.32 -10.20
C VAL A 233 10.97 -33.25 -10.81
N ASP A 239 18.85 -32.78 -9.70
CA ASP A 239 19.42 -31.50 -10.12
C ASP A 239 18.47 -30.78 -11.10
N VAL A 240 18.04 -29.58 -10.73
CA VAL A 240 17.06 -28.81 -11.49
C VAL A 240 17.09 -27.33 -11.08
N VAL A 241 16.54 -26.47 -11.94
CA VAL A 241 16.26 -25.08 -11.59
C VAL A 241 14.82 -24.76 -11.96
N VAL A 242 14.00 -24.48 -10.95
CA VAL A 242 12.61 -24.11 -11.20
C VAL A 242 12.49 -22.59 -11.30
N VAL A 243 11.74 -22.13 -12.30
CA VAL A 243 11.51 -20.70 -12.48
C VAL A 243 10.01 -20.47 -12.40
N SER A 244 9.58 -19.87 -11.29
CA SER A 244 8.17 -19.91 -10.96
C SER A 244 7.62 -18.61 -10.38
N THR A 245 6.32 -18.39 -10.60
CA THR A 245 5.60 -17.35 -9.88
C THR A 245 5.34 -17.87 -8.48
N ASP A 246 4.49 -17.18 -7.74
CA ASP A 246 4.13 -17.67 -6.42
C ASP A 246 3.11 -18.81 -6.54
N ALA A 247 2.65 -19.08 -7.76
CA ALA A 247 1.62 -20.09 -8.02
C ALA A 247 2.04 -21.47 -7.50
N LEU A 248 3.34 -21.68 -7.39
CA LEU A 248 3.88 -22.86 -6.74
C LEU A 248 3.42 -22.90 -5.29
N MET A 249 2.98 -24.07 -4.84
CA MET A 249 2.52 -24.23 -3.45
C MET A 249 3.69 -24.43 -2.50
N PHE A 256 15.22 -27.93 -1.72
CA PHE A 256 15.80 -26.83 -2.48
C PHE A 256 17.05 -26.27 -1.85
N ASP A 257 18.13 -26.29 -2.63
CA ASP A 257 19.44 -25.88 -2.14
C ASP A 257 19.42 -24.37 -1.88
N SER A 258 18.81 -23.63 -2.81
CA SER A 258 18.81 -22.18 -2.76
C SER A 258 17.52 -21.56 -3.29
N VAL A 259 17.23 -20.33 -2.85
CA VAL A 259 16.14 -19.55 -3.44
C VAL A 259 16.68 -18.26 -4.04
N ILE A 260 16.24 -17.97 -5.26
CA ILE A 260 16.58 -16.75 -5.97
C ILE A 260 15.31 -15.90 -6.16
N ASP A 261 15.33 -14.67 -5.64
CA ASP A 261 14.12 -13.84 -5.47
C ASP A 261 14.18 -12.46 -6.16
N CYS A 262 13.33 -12.22 -7.15
CA CYS A 262 13.23 -10.89 -7.76
C CYS A 262 12.67 -9.82 -6.78
N ASN A 263 12.18 -10.29 -5.63
CA ASN A 263 11.61 -9.44 -4.57
C ASN A 263 10.42 -8.57 -4.99
N THR A 264 9.78 -8.92 -6.10
CA THR A 264 8.62 -8.19 -6.53
C THR A 264 7.51 -9.16 -6.86
N CYS A 265 6.27 -8.70 -6.70
CA CYS A 265 5.09 -9.49 -6.97
C CYS A 265 4.10 -8.69 -7.83
N VAL A 266 3.25 -9.41 -8.54
CA VAL A 266 2.19 -8.79 -9.32
C VAL A 266 0.90 -8.77 -8.51
N THR A 267 0.28 -7.59 -8.40
CA THR A 267 -0.89 -7.45 -7.55
C THR A 267 -2.08 -6.78 -8.25
N GLN A 268 -3.29 -7.20 -7.87
CA GLN A 268 -4.51 -6.70 -8.48
C GLN A 268 -4.95 -5.42 -7.79
N THR A 269 -5.15 -4.36 -8.56
CA THR A 269 -5.64 -3.09 -8.00
C THR A 269 -6.80 -2.53 -8.80
N VAL A 270 -7.58 -1.65 -8.15
CA VAL A 270 -8.65 -0.94 -8.84
C VAL A 270 -8.17 0.46 -9.18
N ASP A 271 -8.36 0.86 -10.44
CA ASP A 271 -8.13 2.25 -10.82
C ASP A 271 -9.47 2.92 -11.10
N PHE A 272 -9.75 3.99 -10.37
CA PHE A 272 -10.96 4.77 -10.60
C PHE A 272 -10.74 5.70 -11.78
N SER A 273 -10.73 5.09 -12.96
CA SER A 273 -10.20 5.70 -14.17
C SER A 273 -11.16 6.68 -14.88
N LEU A 274 -12.43 6.66 -14.51
CA LEU A 274 -13.45 7.54 -15.09
C LEU A 274 -13.58 7.43 -16.59
N ASP A 275 -13.37 6.22 -17.09
CA ASP A 275 -13.38 5.96 -18.52
C ASP A 275 -14.21 4.72 -18.91
N PRO A 276 -15.48 4.67 -18.50
CA PRO A 276 -16.31 5.66 -17.79
C PRO A 276 -16.21 5.59 -16.27
N THR A 277 -15.84 4.45 -15.71
CA THR A 277 -15.96 4.27 -14.25
C THR A 277 -14.67 3.79 -13.58
N PHE A 278 -14.46 2.48 -13.53
CA PHE A 278 -13.31 1.94 -12.84
C PHE A 278 -12.68 0.79 -13.63
N THR A 279 -11.42 0.51 -13.31
CA THR A 279 -10.65 -0.51 -14.02
C THR A 279 -10.05 -1.50 -13.03
N ILE A 280 -10.24 -2.79 -13.30
CA ILE A 280 -9.48 -3.79 -12.55
C ILE A 280 -8.24 -4.10 -13.38
N GLU A 281 -7.07 -3.83 -12.81
CA GLU A 281 -5.79 -4.06 -13.49
C GLU A 281 -4.78 -4.69 -12.54
N THR A 282 -3.58 -4.98 -13.07
CA THR A 282 -2.49 -5.53 -12.25
C THR A 282 -1.35 -4.53 -12.15
N THR A 283 -0.69 -4.53 -10.99
CA THR A 283 0.45 -3.65 -10.75
C THR A 283 1.60 -4.41 -10.10
N THR A 284 2.83 -4.06 -10.47
CA THR A 284 3.99 -4.72 -9.90
C THR A 284 4.60 -3.91 -8.76
N LEU A 285 4.48 -4.46 -7.54
CA LEU A 285 4.93 -3.80 -6.33
C LEU A 285 6.10 -4.55 -5.70
N PRO A 286 6.87 -3.86 -4.84
CA PRO A 286 7.77 -4.57 -3.92
C PRO A 286 7.00 -5.64 -3.20
N GLN A 287 7.60 -6.81 -3.02
CA GLN A 287 6.96 -7.86 -2.26
C GLN A 287 6.78 -7.37 -0.82
N ASP A 288 5.76 -7.86 -0.11
CA ASP A 288 5.65 -7.56 1.30
C ASP A 288 6.32 -8.66 2.14
N ALA A 289 6.29 -8.50 3.45
CA ALA A 289 6.97 -9.41 4.38
C ALA A 289 6.51 -10.87 4.24
N VAL A 290 5.22 -11.11 4.16
CA VAL A 290 4.73 -12.47 4.01
C VAL A 290 5.30 -13.12 2.75
N SER A 291 5.23 -12.40 1.63
CA SER A 291 5.83 -12.87 0.39
C SER A 291 7.30 -13.22 0.58
N ARG A 292 8.06 -12.32 1.18
CA ARG A 292 9.50 -12.50 1.27
C ARG A 292 9.85 -13.66 2.19
N THR A 293 9.10 -13.81 3.26
CA THR A 293 9.33 -14.91 4.17
C THR A 293 9.01 -16.25 3.52
N GLN A 294 7.88 -16.33 2.84
CA GLN A 294 7.43 -17.59 2.25
C GLN A 294 8.34 -18.00 1.07
N ARG A 295 8.80 -17.03 0.29
CA ARG A 295 9.69 -17.31 -0.82
C ARG A 295 11.01 -17.80 -0.27
N ARG A 296 11.55 -17.08 0.72
CA ARG A 296 12.77 -17.50 1.38
C ARG A 296 12.57 -18.81 2.10
N GLY A 297 11.40 -18.95 2.71
CA GLY A 297 11.09 -20.13 3.51
C GLY A 297 11.20 -21.47 2.80
N ARG A 298 11.04 -21.47 1.47
CA ARG A 298 11.11 -22.70 0.71
C ARG A 298 12.54 -23.18 0.47
N THR A 299 13.46 -22.71 1.29
CA THR A 299 14.79 -23.31 1.39
C THR A 299 15.23 -23.29 2.86
N GLY A 300 16.18 -24.14 3.21
CA GLY A 300 16.71 -24.15 4.57
C GLY A 300 15.83 -24.89 5.55
N ARG A 301 15.11 -25.90 5.07
CA ARG A 301 14.25 -26.70 5.95
C ARG A 301 15.03 -27.89 6.52
N GLY A 302 15.76 -27.65 7.63
CA GLY A 302 16.66 -28.64 8.22
C GLY A 302 18.07 -28.54 7.63
N LYS A 303 18.17 -28.89 6.36
CA LYS A 303 19.35 -28.66 5.53
C LYS A 303 19.61 -27.15 5.36
N PRO A 304 20.82 -26.67 5.69
CA PRO A 304 21.11 -25.25 5.49
C PRO A 304 21.01 -24.78 4.03
N GLY A 305 20.11 -23.84 3.72
CA GLY A 305 19.95 -23.37 2.36
C GLY A 305 20.24 -21.91 2.07
N ILE A 306 20.36 -21.56 0.79
CA ILE A 306 20.74 -20.18 0.41
C ILE A 306 19.58 -19.32 -0.12
N TYR A 307 19.50 -18.07 0.34
CA TYR A 307 18.56 -17.10 -0.21
C TYR A 307 19.29 -15.91 -0.83
N ARG A 308 19.01 -15.62 -2.10
CA ARG A 308 19.55 -14.42 -2.71
C ARG A 308 18.54 -13.56 -3.40
N PHE A 309 18.88 -12.27 -3.45
CA PHE A 309 17.92 -11.22 -3.77
C PHE A 309 18.42 -10.05 -4.62
N VAL A 310 17.54 -9.59 -5.49
CA VAL A 310 17.67 -8.34 -6.22
C VAL A 310 17.67 -7.11 -5.30
N ALA A 311 16.83 -7.12 -4.27
CA ALA A 311 16.59 -5.93 -3.46
C ALA A 311 16.39 -6.28 -1.99
N PRO A 312 16.94 -5.46 -1.07
CA PRO A 312 16.95 -5.74 0.38
C PRO A 312 15.63 -5.48 1.10
N GLY A 313 14.99 -4.38 0.77
CA GLY A 313 13.77 -4.01 1.46
C GLY A 313 12.51 -4.70 0.98
N GLU A 314 11.43 -4.39 1.69
CA GLU A 314 10.17 -5.06 1.53
C GLU A 314 9.05 -4.20 2.06
N ARG A 315 7.84 -4.36 1.56
CA ARG A 315 6.68 -3.74 2.18
C ARG A 315 6.41 -4.43 3.51
N PRO A 316 6.07 -3.69 4.57
CA PRO A 316 5.59 -4.42 5.75
C PRO A 316 4.25 -5.08 5.43
N SER A 317 3.88 -6.11 6.17
CA SER A 317 2.61 -6.78 5.89
C SER A 317 1.46 -5.90 6.41
N GLY A 318 0.26 -6.10 5.89
CA GLY A 318 -0.91 -5.53 6.53
C GLY A 318 -1.84 -4.61 5.74
N MET A 319 -1.53 -4.33 4.49
CA MET A 319 -2.46 -3.52 3.70
C MET A 319 -3.03 -4.34 2.55
N PHE A 320 -4.30 -4.12 2.21
CA PHE A 320 -4.78 -4.67 0.95
C PHE A 320 -5.60 -3.63 0.16
N ASP A 321 -5.93 -4.00 -1.09
CA ASP A 321 -6.51 -3.08 -2.05
C ASP A 321 -8.05 -3.18 -2.15
N SER A 322 -8.66 -2.07 -2.53
CA SER A 322 -10.09 -1.95 -2.67
C SER A 322 -10.68 -2.93 -3.69
N SER A 323 -9.86 -3.36 -4.64
CA SER A 323 -10.31 -4.37 -5.59
C SER A 323 -10.66 -5.68 -4.87
N VAL A 324 -10.04 -5.93 -3.71
CA VAL A 324 -10.41 -7.09 -2.91
C VAL A 324 -11.82 -6.94 -2.30
N LEU A 325 -12.19 -5.73 -1.91
CA LEU A 325 -13.58 -5.49 -1.46
C LEU A 325 -14.53 -5.79 -2.60
N CYS A 326 -14.17 -5.33 -3.79
CA CYS A 326 -14.99 -5.58 -4.96
C CYS A 326 -15.14 -7.09 -5.18
N GLU A 327 -14.06 -7.84 -5.00
CA GLU A 327 -14.12 -9.31 -5.10
C GLU A 327 -15.13 -9.91 -4.09
N CYS A 328 -15.16 -9.33 -2.89
CA CYS A 328 -16.01 -9.85 -1.82
C CYS A 328 -17.49 -9.76 -2.19
N TYR A 329 -17.90 -8.60 -2.70
CA TYR A 329 -19.27 -8.37 -3.14
C TYR A 329 -19.63 -9.26 -4.33
N ASP A 330 -18.65 -9.48 -5.20
CA ASP A 330 -18.84 -10.30 -6.39
C ASP A 330 -19.13 -11.73 -5.95
N ALA A 331 -18.45 -12.15 -4.88
CA ALA A 331 -18.52 -13.53 -4.42
C ALA A 331 -19.79 -13.76 -3.59
N GLY A 332 -20.08 -12.83 -2.67
CA GLY A 332 -21.36 -12.80 -2.02
C GLY A 332 -22.50 -13.01 -3.01
N CYS A 333 -22.53 -12.21 -4.08
CA CYS A 333 -23.61 -12.30 -5.08
C CYS A 333 -23.59 -13.59 -5.92
N ALA A 334 -22.40 -13.99 -6.37
CA ALA A 334 -22.25 -15.09 -7.33
C ALA A 334 -22.29 -16.47 -6.70
N TRP A 335 -21.78 -16.57 -5.46
CA TRP A 335 -21.59 -17.84 -4.80
C TRP A 335 -22.47 -18.05 -3.55
N TYR A 336 -22.69 -17.00 -2.78
CA TYR A 336 -23.20 -17.18 -1.43
C TYR A 336 -24.57 -16.58 -1.22
N GLU A 337 -25.19 -16.15 -2.31
CA GLU A 337 -26.53 -15.56 -2.25
C GLU A 337 -26.66 -14.48 -1.17
N LEU A 338 -25.68 -13.60 -1.07
CA LEU A 338 -25.77 -12.45 -0.16
C LEU A 338 -26.19 -11.18 -0.88
N MET A 339 -27.22 -10.51 -0.39
CA MET A 339 -27.52 -9.17 -0.84
C MET A 339 -26.30 -8.34 -0.50
N PRO A 340 -25.97 -7.35 -1.34
CA PRO A 340 -24.80 -6.50 -1.11
C PRO A 340 -24.74 -5.94 0.31
N ALA A 341 -25.91 -5.68 0.87
CA ALA A 341 -26.04 -5.04 2.17
C ALA A 341 -25.68 -5.98 3.33
N GLU A 342 -25.90 -7.28 3.12
CA GLU A 342 -25.49 -8.33 4.07
C GLU A 342 -23.97 -8.49 4.06
N THR A 343 -23.40 -8.44 2.86
CA THR A 343 -21.95 -8.54 2.70
C THR A 343 -21.29 -7.37 3.42
N THR A 344 -21.87 -6.18 3.24
CA THR A 344 -21.43 -4.98 3.94
C THR A 344 -21.39 -5.22 5.44
N VAL A 345 -22.44 -5.82 6.00
CA VAL A 345 -22.50 -6.03 7.44
C VAL A 345 -21.29 -6.89 7.89
N ARG A 346 -20.99 -7.93 7.12
CA ARG A 346 -19.88 -8.80 7.45
C ARG A 346 -18.52 -8.08 7.28
N LEU A 347 -18.30 -7.41 6.15
CA LEU A 347 -17.07 -6.63 5.95
C LEU A 347 -16.91 -5.44 6.93
N ARG A 348 -18.04 -4.93 7.44
CA ARG A 348 -18.00 -3.83 8.40
C ARG A 348 -17.46 -4.35 9.73
N ALA A 349 -17.87 -5.56 10.06
CA ALA A 349 -17.37 -6.26 11.23
C ALA A 349 -15.84 -6.44 11.13
N TYR A 350 -15.34 -6.75 9.93
CA TYR A 350 -13.90 -6.93 9.71
C TYR A 350 -13.16 -5.59 9.90
N MET A 351 -13.72 -4.51 9.38
CA MET A 351 -13.03 -3.23 9.43
C MET A 351 -13.09 -2.54 10.80
N ASN A 352 -14.13 -2.82 11.57
CA ASN A 352 -14.19 -2.31 12.94
C ASN A 352 -13.35 -3.12 13.93
N THR A 353 -12.72 -4.22 13.47
CA THR A 353 -11.87 -5.03 14.34
C THR A 353 -10.37 -4.70 14.25
N PRO A 354 -9.77 -4.31 15.39
CA PRO A 354 -8.33 -3.98 15.51
C PRO A 354 -7.40 -5.16 15.20
N GLY A 355 -6.20 -4.84 14.69
CA GLY A 355 -5.17 -5.83 14.50
C GLY A 355 -5.37 -6.72 13.29
N LEU A 356 -6.02 -6.18 12.26
CA LEU A 356 -6.24 -6.92 11.02
C LEU A 356 -5.74 -6.09 9.85
N PRO A 357 -5.45 -6.74 8.71
CA PRO A 357 -5.05 -5.94 7.55
C PRO A 357 -6.07 -4.82 7.26
N VAL A 358 -5.57 -3.70 6.73
CA VAL A 358 -6.44 -2.59 6.47
C VAL A 358 -6.48 -2.26 5.00
N CYS A 359 -7.60 -1.68 4.59
N CYS A 359 -7.60 -1.68 4.59
CA CYS A 359 -7.83 -1.27 3.22
CA CYS A 359 -7.79 -1.25 3.22
C CYS A 359 -8.66 -0.01 3.21
C CYS A 359 -8.61 0.02 3.22
N GLN A 360 -8.71 0.66 2.07
CA GLN A 360 -9.61 1.81 1.92
C GLN A 360 -11.05 1.43 2.29
N ASP A 361 -11.76 2.31 3.00
CA ASP A 361 -13.15 2.04 3.31
C ASP A 361 -14.03 2.40 2.12
N HIS A 362 -14.28 1.42 1.27
CA HIS A 362 -15.02 1.62 0.05
C HIS A 362 -16.26 0.73 0.07
N LEU A 363 -16.66 0.34 1.28
CA LEU A 363 -17.79 -0.55 1.41
C LEU A 363 -19.06 0.06 0.79
N GLU A 364 -19.28 1.35 1.04
CA GLU A 364 -20.49 2.02 0.56
C GLU A 364 -20.54 1.96 -0.94
N PHE A 365 -19.42 2.34 -1.54
CA PHE A 365 -19.30 2.38 -2.99
C PHE A 365 -19.58 1.03 -3.65
N TRP A 366 -18.94 -0.05 -3.18
CA TRP A 366 -19.06 -1.33 -3.85
C TRP A 366 -20.45 -1.89 -3.60
N GLU A 367 -20.94 -1.73 -2.37
CA GLU A 367 -22.33 -2.06 -2.09
C GLU A 367 -23.28 -1.37 -3.08
N GLY A 368 -23.13 -0.06 -3.25
CA GLY A 368 -23.95 0.68 -4.20
C GLY A 368 -23.87 0.10 -5.61
N VAL A 369 -22.65 -0.19 -6.03
CA VAL A 369 -22.41 -0.72 -7.37
C VAL A 369 -23.15 -2.03 -7.64
N PHE A 370 -22.91 -3.03 -6.80
CA PHE A 370 -23.53 -4.32 -7.01
C PHE A 370 -25.05 -4.28 -6.80
N THR A 371 -25.51 -3.46 -5.86
CA THR A 371 -26.94 -3.34 -5.59
C THR A 371 -27.68 -2.89 -6.84
N GLY A 372 -27.03 -2.07 -7.66
CA GLY A 372 -27.63 -1.63 -8.91
C GLY A 372 -27.54 -2.64 -10.06
N LEU A 373 -26.87 -3.77 -9.84
CA LEU A 373 -26.72 -4.78 -10.89
C LEU A 373 -27.81 -5.85 -10.82
N THR A 374 -29.01 -5.55 -11.32
CA THR A 374 -30.17 -6.45 -11.16
C THR A 374 -30.48 -7.27 -12.40
N HIS A 375 -31.09 -8.42 -12.19
CA HIS A 375 -31.55 -9.29 -13.27
C HIS A 375 -30.42 -9.80 -14.14
N ILE A 376 -29.30 -10.19 -13.54
CA ILE A 376 -28.26 -10.85 -14.27
C ILE A 376 -28.85 -12.06 -14.99
N ASP A 377 -28.32 -12.38 -16.16
CA ASP A 377 -28.71 -13.62 -16.81
C ASP A 377 -28.06 -14.81 -16.12
N ALA A 378 -28.89 -15.63 -15.48
CA ALA A 378 -28.44 -16.76 -14.65
C ALA A 378 -27.56 -17.77 -15.38
N HIS A 379 -27.77 -17.93 -16.69
CA HIS A 379 -26.96 -18.89 -17.41
C HIS A 379 -25.55 -18.37 -17.60
N PHE A 380 -25.43 -17.08 -17.90
CA PHE A 380 -24.12 -16.46 -18.06
C PHE A 380 -23.35 -16.53 -16.72
N LEU A 381 -24.02 -16.21 -15.61
CA LEU A 381 -23.40 -16.32 -14.30
C LEU A 381 -22.89 -17.74 -14.07
N SER A 382 -23.72 -18.70 -14.42
CA SER A 382 -23.38 -20.11 -14.25
C SER A 382 -22.11 -20.44 -15.04
N GLN A 383 -21.97 -19.86 -16.22
CA GLN A 383 -20.81 -20.18 -17.05
C GLN A 383 -19.53 -19.51 -16.53
N THR A 384 -19.63 -18.22 -16.23
CA THR A 384 -18.47 -17.48 -15.73
C THR A 384 -17.98 -18.10 -14.41
N LYS A 385 -18.90 -18.55 -13.56
CA LYS A 385 -18.48 -19.22 -12.32
C LYS A 385 -17.76 -20.52 -12.68
N GLN A 386 -18.38 -21.31 -13.53
CA GLN A 386 -17.82 -22.59 -13.93
C GLN A 386 -16.45 -22.40 -14.58
N SER A 387 -16.30 -21.33 -15.33
CA SER A 387 -15.09 -21.13 -16.11
C SER A 387 -13.98 -20.56 -15.25
N GLY A 388 -14.29 -20.22 -14.01
CA GLY A 388 -13.27 -19.76 -13.08
C GLY A 388 -12.70 -18.37 -13.30
N GLU A 389 -13.43 -17.53 -14.03
CA GLU A 389 -13.06 -16.13 -14.22
C GLU A 389 -12.94 -15.36 -12.89
N ASN A 390 -12.24 -14.22 -12.92
CA ASN A 390 -11.93 -13.53 -11.66
C ASN A 390 -13.11 -12.76 -11.02
N PHE A 391 -13.93 -12.10 -11.82
CA PHE A 391 -15.08 -11.42 -11.22
C PHE A 391 -16.35 -11.91 -11.94
N PRO A 392 -16.71 -13.17 -11.70
CA PRO A 392 -17.71 -13.84 -12.54
C PRO A 392 -19.05 -13.10 -12.53
N TYR A 393 -19.40 -12.47 -11.43
CA TYR A 393 -20.60 -11.63 -11.43
C TYR A 393 -20.41 -10.44 -12.35
N LEU A 394 -19.31 -9.69 -12.17
CA LEU A 394 -19.05 -8.59 -13.08
C LEU A 394 -19.01 -9.07 -14.54
N VAL A 395 -18.28 -10.14 -14.84
CA VAL A 395 -18.24 -10.61 -16.22
C VAL A 395 -19.63 -10.96 -16.77
N ALA A 396 -20.36 -11.77 -16.03
CA ALA A 396 -21.69 -12.19 -16.47
C ALA A 396 -22.67 -11.01 -16.59
N TYR A 397 -22.52 -10.01 -15.72
CA TYR A 397 -23.42 -8.88 -15.83
C TYR A 397 -23.13 -7.97 -17.02
N GLN A 398 -21.86 -7.73 -17.31
CA GLN A 398 -21.53 -6.98 -18.52
C GLN A 398 -22.03 -7.75 -19.76
N ALA A 399 -21.89 -9.08 -19.74
CA ALA A 399 -22.34 -9.92 -20.87
C ALA A 399 -23.87 -9.87 -21.00
N THR A 400 -24.53 -9.75 -19.86
CA THR A 400 -25.99 -9.60 -19.87
C THR A 400 -26.42 -8.30 -20.53
N VAL A 401 -25.73 -7.20 -20.21
CA VAL A 401 -26.04 -5.92 -20.80
C VAL A 401 -25.81 -5.96 -22.31
N CYS A 402 -24.73 -6.63 -22.71
CA CYS A 402 -24.34 -6.74 -24.12
C CYS A 402 -25.38 -7.55 -24.89
N ALA A 403 -25.78 -8.69 -24.35
CA ALA A 403 -26.81 -9.52 -24.97
C ALA A 403 -28.09 -8.73 -25.12
N ARG A 404 -28.47 -7.99 -24.09
CA ARG A 404 -29.78 -7.38 -24.13
C ARG A 404 -29.79 -6.14 -25.03
N ALA A 405 -28.62 -5.53 -25.23
CA ALA A 405 -28.52 -4.42 -26.19
C ALA A 405 -28.14 -4.95 -27.56
N GLN A 406 -28.00 -6.27 -27.65
CA GLN A 406 -27.52 -6.92 -28.87
C GLN A 406 -26.21 -6.27 -29.30
N ALA A 407 -25.33 -6.04 -28.33
CA ALA A 407 -24.03 -5.45 -28.62
C ALA A 407 -22.94 -6.45 -28.29
N PRO A 408 -21.78 -6.33 -28.95
CA PRO A 408 -20.67 -7.24 -28.67
C PRO A 408 -20.06 -6.99 -27.30
N PRO A 409 -19.45 -8.02 -26.70
CA PRO A 409 -18.62 -7.87 -25.50
C PRO A 409 -17.48 -6.87 -25.76
N PRO A 410 -16.79 -6.43 -24.70
CA PRO A 410 -15.74 -5.41 -24.81
C PRO A 410 -14.52 -5.87 -25.62
N SER A 411 -14.29 -7.18 -25.67
CA SER A 411 -13.29 -7.79 -26.54
C SER A 411 -13.80 -9.20 -26.79
N TRP A 412 -13.13 -9.96 -27.66
CA TRP A 412 -13.55 -11.35 -27.87
C TRP A 412 -12.60 -12.31 -27.18
N ASP A 413 -11.82 -11.74 -26.26
CA ASP A 413 -11.09 -12.48 -25.22
C ASP A 413 -11.96 -13.57 -24.61
N GLN A 414 -11.30 -14.63 -24.14
CA GLN A 414 -11.97 -15.82 -23.60
C GLN A 414 -12.83 -15.52 -22.37
N MET A 415 -12.64 -14.34 -21.78
CA MET A 415 -13.41 -13.90 -20.64
C MET A 415 -14.90 -13.85 -20.99
N TRP A 416 -15.19 -13.48 -22.23
CA TRP A 416 -16.55 -13.28 -22.71
C TRP A 416 -17.11 -14.41 -23.57
N LYS A 417 -16.58 -15.61 -23.40
CA LYS A 417 -16.98 -16.70 -24.30
C LYS A 417 -18.43 -17.15 -24.11
N CYS A 418 -19.06 -16.70 -23.03
CA CYS A 418 -20.46 -17.03 -22.80
C CYS A 418 -21.36 -16.39 -23.85
N LEU A 419 -20.76 -15.50 -24.65
CA LEU A 419 -21.48 -14.85 -25.72
C LEU A 419 -21.08 -15.38 -27.10
N ILE A 420 -20.58 -16.62 -27.19
CA ILE A 420 -20.21 -17.17 -28.52
C ILE A 420 -21.49 -17.35 -29.35
N ARG A 421 -21.61 -16.46 -30.32
CA ARG A 421 -22.89 -15.97 -30.87
C ARG A 421 -22.56 -14.51 -31.31
N LEU A 422 -21.35 -14.34 -31.86
CA LEU A 422 -20.89 -13.05 -32.41
C LEU A 422 -21.92 -12.43 -33.34
N LYS A 423 -22.75 -13.30 -33.92
CA LYS A 423 -23.50 -13.02 -35.14
C LYS A 423 -24.65 -12.01 -35.02
N PRO A 424 -25.51 -12.13 -33.99
CA PRO A 424 -26.48 -11.04 -33.85
C PRO A 424 -25.91 -9.89 -33.03
N THR A 425 -25.13 -10.21 -31.99
CA THR A 425 -24.57 -9.20 -31.11
C THR A 425 -23.26 -8.72 -31.66
N LEU A 426 -23.19 -8.45 -32.96
CA LEU A 426 -22.01 -7.79 -33.50
C LEU A 426 -22.54 -6.40 -33.81
N HIS A 427 -23.77 -6.18 -33.38
CA HIS A 427 -24.37 -4.91 -33.63
C HIS A 427 -23.68 -3.84 -32.74
N GLY A 428 -22.55 -3.35 -33.26
CA GLY A 428 -22.02 -2.04 -32.90
C GLY A 428 -21.17 -1.90 -31.65
N PRO A 429 -21.13 -0.67 -31.11
CA PRO A 429 -20.33 -0.36 -29.94
C PRO A 429 -20.81 -1.07 -28.67
N THR A 430 -19.87 -1.30 -27.76
CA THR A 430 -20.14 -1.95 -26.51
C THR A 430 -20.60 -0.98 -25.45
N PRO A 431 -21.69 -1.30 -24.75
CA PRO A 431 -22.14 -0.49 -23.62
C PRO A 431 -21.31 -0.84 -22.40
N LEU A 432 -20.33 0.02 -22.13
CA LEU A 432 -19.22 -0.32 -21.26
C LEU A 432 -19.47 0.09 -19.84
N LEU A 433 -19.62 -0.91 -18.98
CA LEU A 433 -19.99 -0.62 -17.61
C LEU A 433 -18.79 -0.26 -16.78
N TYR A 434 -17.64 -0.79 -17.17
CA TYR A 434 -16.44 -0.79 -16.34
C TYR A 434 -15.34 -1.64 -17.07
N ARG A 435 -14.08 -1.57 -16.62
CA ARG A 435 -12.99 -2.27 -17.34
C ARG A 435 -12.35 -3.46 -16.59
N LEU A 436 -12.50 -4.66 -17.17
CA LEU A 436 -11.98 -5.90 -16.58
C LEU A 436 -10.70 -6.39 -17.28
N GLY A 437 -10.50 -5.93 -18.50
CA GLY A 437 -9.32 -6.31 -19.25
C GLY A 437 -9.11 -5.28 -20.33
N ALA A 438 -8.36 -5.68 -21.34
CA ALA A 438 -8.15 -4.85 -22.51
C ALA A 438 -9.49 -4.71 -23.20
N VAL A 439 -9.81 -3.51 -23.64
CA VAL A 439 -11.02 -3.30 -24.41
C VAL A 439 -10.68 -3.08 -25.88
N GLN A 440 -11.29 -3.89 -26.74
CA GLN A 440 -10.97 -3.90 -28.15
C GLN A 440 -12.09 -3.34 -29.02
N ASN A 441 -13.34 -3.60 -28.67
CA ASN A 441 -14.45 -3.06 -29.44
C ASN A 441 -14.60 -1.54 -29.23
N GLU A 442 -15.26 -0.89 -30.17
CA GLU A 442 -15.76 0.46 -29.95
C GLU A 442 -16.71 0.42 -28.76
N VAL A 443 -16.82 1.52 -28.02
CA VAL A 443 -17.67 1.52 -26.83
C VAL A 443 -18.55 2.76 -26.71
N THR A 444 -19.66 2.60 -25.99
CA THR A 444 -20.55 3.71 -25.71
C THR A 444 -20.65 3.83 -24.19
N LEU A 445 -20.72 5.06 -23.70
CA LEU A 445 -20.65 5.32 -22.26
C LEU A 445 -21.93 5.92 -21.68
N THR A 446 -23.09 5.57 -22.23
CA THR A 446 -24.30 6.29 -21.86
C THR A 446 -25.37 5.36 -21.30
N HIS A 447 -25.02 4.09 -21.13
CA HIS A 447 -25.94 3.12 -20.54
C HIS A 447 -26.28 3.49 -19.09
N PRO A 448 -27.58 3.44 -18.74
CA PRO A 448 -28.06 3.81 -17.38
C PRO A 448 -27.27 3.12 -16.26
N ILE A 449 -26.88 1.87 -16.45
CA ILE A 449 -26.03 1.21 -15.45
C ILE A 449 -24.65 1.85 -15.36
N THR A 450 -24.07 2.18 -16.51
CA THR A 450 -22.85 2.96 -16.53
C THR A 450 -23.08 4.29 -15.81
N LYS A 451 -24.16 4.98 -16.11
CA LYS A 451 -24.41 6.26 -15.41
C LYS A 451 -24.71 6.01 -13.90
N TYR A 452 -25.33 4.87 -13.62
CA TYR A 452 -25.59 4.49 -12.24
C TYR A 452 -24.28 4.35 -11.48
N ILE A 453 -23.30 3.68 -12.09
CA ILE A 453 -22.04 3.48 -11.38
C ILE A 453 -21.30 4.81 -11.21
N MET A 454 -21.35 5.66 -12.24
CA MET A 454 -20.71 6.98 -12.15
C MET A 454 -21.29 7.79 -11.01
N THR A 455 -22.61 7.73 -10.86
CA THR A 455 -23.25 8.42 -9.76
C THR A 455 -22.82 7.84 -8.40
N CYS A 456 -22.72 6.51 -8.31
CA CYS A 456 -22.18 5.86 -7.13
C CYS A 456 -20.75 6.36 -6.84
N MET A 457 -19.94 6.55 -7.87
CA MET A 457 -18.59 7.10 -7.68
C MET A 457 -18.66 8.47 -7.02
N SER A 458 -19.44 9.39 -7.60
CA SER A 458 -19.74 10.69 -6.97
C SER A 458 -20.22 10.57 -5.51
N ALA A 459 -21.20 9.70 -5.27
CA ALA A 459 -21.81 9.52 -3.94
C ALA A 459 -20.85 9.02 -2.85
N ASP A 460 -19.99 8.06 -3.18
CA ASP A 460 -19.34 7.28 -2.13
C ASP A 460 -17.82 7.44 -2.01
N LEU A 461 -17.16 7.92 -3.07
CA LEU A 461 -15.70 8.08 -3.06
C LEU A 461 -15.31 9.55 -2.77
N GLU A 462 -14.31 9.74 -1.92
CA GLU A 462 -13.97 11.05 -1.31
C GLU A 462 -13.18 12.03 -2.21
N VAL A 463 -12.66 13.09 -1.56
CA VAL A 463 -12.10 14.30 -2.19
C VAL A 463 -12.59 14.48 -3.64
N ASN B 21 21.18 -0.33 17.76
CA ASN B 21 19.77 -0.39 17.40
C ASN B 21 18.88 0.40 18.35
N SER B 22 18.92 0.10 19.64
CA SER B 22 18.19 0.89 20.63
C SER B 22 19.13 1.79 21.44
N SER B 23 20.39 1.38 21.50
CA SER B 23 21.45 2.23 22.04
C SER B 23 22.34 2.77 20.90
N PRO B 24 22.99 3.93 21.13
CA PRO B 24 23.84 4.59 20.12
C PRO B 24 25.05 3.77 19.71
N PRO B 25 25.21 3.51 18.41
CA PRO B 25 26.35 2.74 17.92
C PRO B 25 27.69 3.29 18.34
N ALA B 26 28.49 2.44 18.97
CA ALA B 26 29.89 2.72 19.14
C ALA B 26 30.51 2.90 17.76
N VAL B 27 31.45 3.83 17.66
CA VAL B 27 32.13 4.10 16.41
C VAL B 27 33.02 2.94 15.98
N PRO B 28 32.73 2.35 14.82
CA PRO B 28 33.43 1.15 14.35
C PRO B 28 34.81 1.51 13.83
N GLN B 29 35.65 0.52 13.59
CA GLN B 29 37.04 0.82 13.23
C GLN B 29 37.24 1.14 11.75
N SER B 30 36.35 0.67 10.90
CA SER B 30 36.33 1.10 9.51
C SER B 30 34.91 1.53 9.19
N PHE B 31 34.70 2.07 7.99
CA PHE B 31 33.41 2.70 7.69
C PHE B 31 32.26 1.71 7.78
N GLN B 32 31.22 2.11 8.51
CA GLN B 32 30.00 1.33 8.51
C GLN B 32 28.75 2.19 8.62
N VAL B 33 27.61 1.59 8.27
CA VAL B 33 26.30 2.21 8.36
C VAL B 33 25.48 1.53 9.44
N ALA B 34 25.13 2.28 10.48
CA ALA B 34 24.41 1.76 11.61
C ALA B 34 22.95 2.25 11.67
N HIS B 35 22.07 1.49 12.30
CA HIS B 35 20.70 1.94 12.50
C HIS B 35 20.46 2.24 13.96
N LEU B 36 19.70 3.29 14.23
CA LEU B 36 19.37 3.64 15.59
C LEU B 36 17.86 3.76 15.72
N HIS B 37 17.22 2.72 16.25
CA HIS B 37 15.79 2.78 16.55
C HIS B 37 15.61 3.43 17.93
N ALA B 38 15.64 4.76 17.96
CA ALA B 38 15.47 5.51 19.19
C ALA B 38 14.02 5.42 19.63
N PRO B 39 13.71 5.80 20.88
CA PRO B 39 12.32 5.85 21.32
C PRO B 39 11.69 7.22 21.11
N THR B 40 10.41 7.34 21.47
CA THR B 40 9.68 8.62 21.37
C THR B 40 10.26 9.69 22.28
N THR B 46 19.26 14.49 20.45
CA THR B 46 20.16 15.51 20.97
C THR B 46 21.16 14.93 21.98
N LYS B 47 20.71 13.96 22.76
CA LYS B 47 21.58 13.25 23.69
C LYS B 47 22.63 12.47 22.91
N VAL B 48 22.22 11.97 21.75
CA VAL B 48 23.03 11.07 20.95
C VAL B 48 24.25 11.72 20.25
N PRO B 49 24.05 12.86 19.55
CA PRO B 49 25.26 13.46 18.94
C PRO B 49 26.14 14.13 19.99
N ALA B 50 25.60 14.27 21.20
CA ALA B 50 26.37 14.80 22.32
C ALA B 50 27.48 13.83 22.71
N ALA B 51 27.09 12.58 22.90
CA ALA B 51 28.01 11.49 23.21
C ALA B 51 29.17 11.42 22.23
N TYR B 52 28.86 11.42 20.94
CA TYR B 52 29.91 11.28 19.93
C TYR B 52 30.94 12.40 20.00
N ALA B 53 30.48 13.65 20.13
CA ALA B 53 31.37 14.82 20.16
C ALA B 53 32.33 14.74 21.34
N ALA B 54 31.82 14.22 22.46
CA ALA B 54 32.56 14.06 23.71
C ALA B 54 33.81 13.20 23.55
N GLN B 55 33.91 12.48 22.44
CA GLN B 55 35.07 11.63 22.17
C GLN B 55 35.93 12.17 21.03
N GLY B 56 35.73 13.46 20.70
CA GLY B 56 36.59 14.15 19.76
C GLY B 56 36.17 14.03 18.32
N TYR B 57 35.02 13.40 18.09
CA TYR B 57 34.49 13.19 16.74
C TYR B 57 33.69 14.39 16.23
N LYS B 58 33.93 14.78 14.99
CA LYS B 58 33.15 15.84 14.37
C LYS B 58 31.85 15.24 13.84
N VAL B 59 30.73 15.73 14.35
CA VAL B 59 29.43 15.14 14.08
C VAL B 59 28.54 16.08 13.27
N LEU B 60 28.04 15.56 12.15
CA LEU B 60 27.02 16.28 11.39
C LEU B 60 25.66 15.61 11.54
N VAL B 61 24.67 16.37 11.99
CA VAL B 61 23.32 15.86 12.19
C VAL B 61 22.39 16.45 11.15
N LEU B 62 21.69 15.58 10.42
CA LEU B 62 20.77 16.04 9.37
C LEU B 62 19.32 15.69 9.71
N ASN B 63 18.45 16.71 9.66
CA ASN B 63 17.00 16.58 9.84
C ASN B 63 16.30 17.27 8.67
N PRO B 64 14.99 16.97 8.48
CA PRO B 64 14.26 17.71 7.42
C PRO B 64 14.24 19.22 7.72
N SER B 65 14.06 19.57 9.00
CA SER B 65 14.15 20.94 9.49
C SER B 65 14.90 21.04 10.82
N VAL B 66 15.53 22.19 11.07
CA VAL B 66 16.22 22.43 12.34
C VAL B 66 15.42 23.40 13.21
N ALA B 67 14.19 23.69 12.81
CA ALA B 67 13.26 24.36 13.71
C ALA B 67 13.03 23.52 14.95
N ALA B 68 12.59 24.19 16.02
CA ALA B 68 12.25 23.51 17.25
C ALA B 68 11.11 22.53 17.01
N THR B 69 11.24 21.34 17.58
CA THR B 69 10.26 20.27 17.43
C THR B 69 8.85 20.70 17.82
N LEU B 70 8.74 21.46 18.91
CA LEU B 70 7.45 21.94 19.38
C LEU B 70 6.84 23.01 18.48
N GLY B 71 7.66 23.58 17.59
CA GLY B 71 7.23 24.72 16.79
C GLY B 71 7.47 26.01 17.56
N PHE B 72 7.94 25.84 18.79
CA PHE B 72 8.28 26.94 19.68
C PHE B 72 9.64 26.66 20.30
N GLY B 73 10.53 27.64 20.29
CA GLY B 73 11.85 27.47 20.88
C GLY B 73 13.02 27.60 19.90
N ALA B 74 14.22 27.62 20.46
CA ALA B 74 15.45 27.84 19.70
C ALA B 74 15.66 26.87 18.54
N TYR B 75 16.35 27.34 17.52
CA TYR B 75 16.73 26.49 16.41
C TYR B 75 17.81 25.53 16.84
N MET B 76 17.83 24.35 16.25
CA MET B 76 18.79 23.32 16.62
C MET B 76 20.20 23.74 16.22
N SER B 77 20.26 24.75 15.36
CA SER B 77 21.53 25.25 14.82
C SER B 77 22.10 26.43 15.62
N LYS B 78 21.41 26.83 16.68
CA LYS B 78 21.88 27.90 17.55
C LYS B 78 23.23 27.53 18.18
N ALA B 79 24.20 28.43 18.08
CA ALA B 79 25.57 28.18 18.54
C ALA B 79 25.64 27.97 20.05
N HIS B 80 26.78 27.45 20.54
CA HIS B 80 26.98 27.01 21.93
C HIS B 80 25.74 26.37 22.55
N SER B 97 32.66 24.43 17.27
CA SER B 97 31.93 23.30 17.82
C SER B 97 32.37 21.99 17.19
N PRO B 98 32.04 20.87 17.86
CA PRO B 98 32.15 19.59 17.18
C PRO B 98 30.79 19.02 16.74
N ILE B 99 29.70 19.79 16.89
CA ILE B 99 28.37 19.36 16.42
C ILE B 99 27.66 20.38 15.52
N THR B 100 27.49 20.03 14.25
CA THR B 100 26.74 20.85 13.28
C THR B 100 25.35 20.26 13.09
N TYR B 101 24.34 21.13 13.13
CA TYR B 101 22.97 20.73 12.82
C TYR B 101 22.49 21.39 11.56
N SER B 102 22.21 20.58 10.55
CA SER B 102 21.63 21.10 9.32
C SER B 102 20.49 20.26 8.76
N THR B 103 20.09 20.58 7.53
CA THR B 103 18.98 19.89 6.91
C THR B 103 19.44 19.16 5.66
N TYR B 104 18.68 18.14 5.29
CA TYR B 104 18.87 17.48 4.02
C TYR B 104 18.87 18.49 2.87
N GLY B 105 17.90 19.40 2.90
CA GLY B 105 17.83 20.48 1.91
C GLY B 105 19.08 21.32 1.77
N LYS B 106 19.63 21.78 2.89
CA LYS B 106 20.82 22.60 2.80
C LYS B 106 22.01 21.73 2.41
N PHE B 107 22.07 20.52 2.98
CA PHE B 107 23.15 19.59 2.68
C PHE B 107 23.23 19.33 1.18
N LEU B 108 22.07 19.16 0.54
CA LEU B 108 22.03 18.94 -0.90
C LEU B 108 22.43 20.21 -1.64
N ALA B 109 21.96 21.35 -1.14
CA ALA B 109 22.29 22.64 -1.76
C ALA B 109 23.79 22.90 -1.62
N ASP B 110 24.36 22.52 -0.47
CA ASP B 110 25.80 22.68 -0.24
C ASP B 110 26.61 21.71 -1.11
N GLY B 111 25.91 20.84 -1.84
CA GLY B 111 26.57 19.91 -2.73
C GLY B 111 26.96 18.58 -2.13
N GLY B 112 26.56 18.35 -0.87
CA GLY B 112 26.74 17.06 -0.24
C GLY B 112 27.94 16.98 0.70
N CYS B 113 28.57 15.80 0.75
CA CYS B 113 29.73 15.60 1.60
C CYS B 113 30.91 16.36 1.00
N SER B 114 31.67 17.06 1.85
CA SER B 114 32.92 17.64 1.38
C SER B 114 34.12 17.02 2.11
N GLY B 115 35.09 16.57 1.31
CA GLY B 115 36.46 16.33 1.75
C GLY B 115 36.74 15.53 3.00
N GLY B 116 36.68 16.18 4.15
CA GLY B 116 36.96 15.53 5.42
C GLY B 116 36.40 16.38 6.54
N ALA B 117 35.16 16.83 6.36
CA ALA B 117 34.54 17.73 7.30
C ALA B 117 34.00 17.01 8.53
N TYR B 118 33.74 15.69 8.43
CA TYR B 118 33.05 14.98 9.53
C TYR B 118 33.41 13.50 9.71
N ASP B 119 33.35 13.07 10.96
CA ASP B 119 33.58 11.67 11.34
C ASP B 119 32.28 10.89 11.41
N ILE B 120 31.23 11.57 11.87
CA ILE B 120 29.93 10.93 12.03
C ILE B 120 28.83 11.79 11.44
N ILE B 121 28.00 11.16 10.62
CA ILE B 121 26.83 11.78 10.04
C ILE B 121 25.60 11.05 10.53
N ILE B 122 24.77 11.75 11.28
CA ILE B 122 23.53 11.20 11.77
C ILE B 122 22.40 11.66 10.84
N CYS B 123 21.91 10.76 10.00
CA CYS B 123 20.70 11.05 9.25
C CYS B 123 19.51 10.78 10.15
N ASP B 124 18.99 11.85 10.73
CA ASP B 124 17.91 11.74 11.69
C ASP B 124 16.55 11.78 10.99
N GLU B 125 15.51 11.32 11.69
CA GLU B 125 14.19 11.14 11.09
C GLU B 125 14.25 10.42 9.73
N CYS B 126 15.02 9.35 9.62
CA CYS B 126 15.30 8.74 8.33
C CYS B 126 14.10 7.92 7.79
N HIS B 127 12.95 8.06 8.43
CA HIS B 127 11.71 7.49 7.90
C HIS B 127 11.07 8.43 6.88
N SER B 128 11.55 9.66 6.85
CA SER B 128 10.97 10.68 5.97
C SER B 128 11.04 10.28 4.52
N THR B 129 9.93 10.39 3.84
CA THR B 129 9.90 9.96 2.45
C THR B 129 9.65 11.12 1.53
N ASP B 130 9.91 12.33 2.01
CA ASP B 130 9.86 13.47 1.11
C ASP B 130 11.11 13.38 0.22
N ALA B 131 11.01 13.89 -0.99
CA ALA B 131 12.09 13.78 -1.97
C ALA B 131 13.44 14.29 -1.45
N THR B 132 13.42 15.45 -0.80
CA THR B 132 14.62 16.05 -0.25
C THR B 132 15.33 15.15 0.79
N SER B 133 14.55 14.49 1.64
CA SER B 133 15.13 13.58 2.59
C SER B 133 15.68 12.35 1.88
N ILE B 134 15.00 11.88 0.84
CA ILE B 134 15.46 10.65 0.19
C ILE B 134 16.73 10.87 -0.66
N LEU B 135 16.77 11.94 -1.46
CA LEU B 135 17.98 12.33 -2.17
C LEU B 135 19.15 12.68 -1.19
N GLY B 136 18.84 13.44 -0.13
CA GLY B 136 19.81 13.75 0.90
C GLY B 136 20.45 12.53 1.57
N ILE B 137 19.61 11.65 2.09
CA ILE B 137 20.11 10.44 2.73
C ILE B 137 20.93 9.63 1.74
N GLY B 138 20.37 9.47 0.54
CA GLY B 138 21.02 8.70 -0.50
C GLY B 138 22.37 9.32 -0.85
N THR B 139 22.47 10.63 -0.68
CA THR B 139 23.70 11.32 -0.97
C THR B 139 24.72 11.04 0.13
N VAL B 140 24.27 11.08 1.38
CA VAL B 140 25.12 10.74 2.50
C VAL B 140 25.71 9.36 2.29
N LEU B 141 24.86 8.40 1.91
CA LEU B 141 25.29 7.01 1.76
C LEU B 141 26.21 6.78 0.58
N ASP B 142 26.07 7.59 -0.46
CA ASP B 142 26.91 7.38 -1.63
C ASP B 142 28.30 7.95 -1.41
N GLN B 143 28.37 8.99 -0.58
CA GLN B 143 29.56 9.83 -0.46
C GLN B 143 30.32 9.77 0.87
N ALA B 144 29.68 9.35 1.94
CA ALA B 144 30.26 9.56 3.25
C ALA B 144 31.64 8.94 3.40
N GLU B 145 31.77 7.71 2.92
CA GLU B 145 33.00 6.95 3.10
C GLU B 145 34.17 7.57 2.33
N THR B 146 33.91 7.93 1.08
CA THR B 146 34.89 8.66 0.28
C THR B 146 35.21 10.03 0.91
N ALA B 147 34.33 10.54 1.75
CA ALA B 147 34.57 11.79 2.45
C ALA B 147 35.26 11.59 3.80
N GLY B 148 35.54 10.34 4.16
CA GLY B 148 36.33 10.05 5.34
C GLY B 148 35.59 9.95 6.66
N ALA B 149 34.27 9.83 6.58
CA ALA B 149 33.48 9.56 7.77
C ALA B 149 33.80 8.14 8.17
N ARG B 150 33.65 7.80 9.44
CA ARG B 150 33.84 6.42 9.89
C ARG B 150 32.49 5.77 10.12
N LEU B 151 31.47 6.60 10.34
CA LEU B 151 30.14 6.10 10.69
C LEU B 151 28.97 6.94 10.13
N VAL B 152 27.97 6.26 9.57
CA VAL B 152 26.69 6.90 9.29
C VAL B 152 25.61 6.27 10.14
N VAL B 153 24.80 7.10 10.79
CA VAL B 153 23.69 6.59 11.58
C VAL B 153 22.35 6.97 10.97
N LEU B 154 21.57 5.94 10.65
CA LEU B 154 20.21 6.11 10.17
C LEU B 154 19.29 6.04 11.40
N ALA B 155 18.86 7.20 11.88
CA ALA B 155 18.08 7.29 13.11
C ALA B 155 16.61 7.68 12.88
N THR B 156 15.71 6.97 13.58
CA THR B 156 14.28 7.21 13.53
C THR B 156 13.60 6.55 14.72
N ALA B 157 12.51 7.14 15.16
CA ALA B 157 11.67 6.52 16.16
C ALA B 157 10.66 5.59 15.49
N THR B 158 10.49 5.75 14.17
CA THR B 158 9.54 4.97 13.39
C THR B 158 10.21 4.18 12.25
N PRO B 159 10.96 3.12 12.61
CA PRO B 159 11.50 2.24 11.58
C PRO B 159 10.39 1.61 10.74
N PRO B 160 10.73 1.09 9.55
CA PRO B 160 9.69 0.58 8.66
C PRO B 160 8.89 -0.56 9.31
N GLY B 161 7.57 -0.50 9.17
CA GLY B 161 6.70 -1.48 9.78
C GLY B 161 6.12 -1.07 11.12
N SER B 162 6.60 0.05 11.68
CA SER B 162 6.09 0.52 12.97
C SER B 162 4.60 0.72 12.95
N VAL B 163 3.97 0.45 14.07
CA VAL B 163 2.58 0.80 14.26
C VAL B 163 2.55 1.80 15.40
N THR B 164 1.42 2.46 15.64
CA THR B 164 1.40 3.34 16.79
C THR B 164 1.08 2.54 18.02
N VAL B 165 1.62 3.01 19.12
CA VAL B 165 1.57 2.32 20.37
C VAL B 165 0.64 3.09 21.30
N SER B 166 0.17 2.43 22.36
CA SER B 166 -0.67 3.09 23.36
C SER B 166 -0.01 4.37 23.86
N HIS B 167 -0.84 5.27 24.36
CA HIS B 167 -0.31 6.44 25.02
C HIS B 167 -0.94 6.48 26.41
N PRO B 168 -0.10 6.40 27.46
CA PRO B 168 -0.54 6.40 28.86
C PRO B 168 -1.47 7.57 29.19
N ASN B 169 -1.28 8.67 28.48
CA ASN B 169 -1.99 9.89 28.76
C ASN B 169 -3.19 10.15 27.83
N ILE B 170 -3.49 9.21 26.94
CA ILE B 170 -4.51 9.45 25.91
C ILE B 170 -5.46 8.27 25.74
N GLU B 171 -6.74 8.49 26.03
CA GLU B 171 -7.72 7.41 25.92
C GLU B 171 -8.32 7.43 24.54
N GLU B 172 -8.43 6.27 23.92
CA GLU B 172 -8.93 6.21 22.56
C GLU B 172 -10.33 5.62 22.56
N VAL B 173 -11.25 6.25 21.82
CA VAL B 173 -12.62 5.75 21.74
C VAL B 173 -13.12 5.80 20.30
N ALA B 174 -13.40 4.64 19.73
CA ALA B 174 -13.99 4.54 18.40
C ALA B 174 -15.26 5.36 18.29
N LEU B 175 -15.41 6.04 17.17
CA LEU B 175 -16.68 6.66 16.85
C LEU B 175 -17.66 5.54 16.49
N SER B 176 -18.93 5.73 16.84
CA SER B 176 -20.00 4.87 16.40
C SER B 176 -20.81 5.54 15.29
N THR B 177 -21.86 4.88 14.82
CA THR B 177 -22.71 5.47 13.80
C THR B 177 -23.84 6.28 14.43
N THR B 178 -23.86 6.31 15.76
CA THR B 178 -24.84 7.08 16.51
C THR B 178 -24.30 8.49 16.76
N GLY B 179 -25.06 9.52 16.39
CA GLY B 179 -24.62 10.88 16.58
C GLY B 179 -25.20 11.84 15.55
N GLU B 180 -25.24 13.12 15.92
CA GLU B 180 -25.92 14.12 15.11
C GLU B 180 -25.10 14.62 13.93
N ILE B 181 -23.78 14.47 14.02
CA ILE B 181 -22.88 14.99 13.00
C ILE B 181 -22.18 13.90 12.20
N PRO B 182 -22.53 13.75 10.92
CA PRO B 182 -21.97 12.69 10.08
C PRO B 182 -20.49 12.92 9.87
N PHE B 183 -19.69 11.88 10.00
CA PHE B 183 -18.24 12.02 9.91
C PHE B 183 -17.60 10.77 9.30
N TYR B 184 -17.34 10.83 7.99
CA TYR B 184 -16.67 9.73 7.29
C TYR B 184 -17.30 8.34 7.52
N GLY B 185 -18.64 8.25 7.46
CA GLY B 185 -19.36 7.00 7.63
C GLY B 185 -19.68 6.68 9.08
N LYS B 186 -19.14 7.48 9.99
CA LYS B 186 -19.47 7.37 11.40
C LYS B 186 -20.15 8.67 11.84
N ALA B 187 -20.28 8.88 13.14
CA ALA B 187 -21.00 10.05 13.60
C ALA B 187 -20.36 10.62 14.85
N ILE B 188 -20.35 11.95 14.93
CA ILE B 188 -19.93 12.63 16.13
C ILE B 188 -21.14 13.07 16.93
N PRO B 189 -21.25 12.63 18.19
CA PRO B 189 -22.31 13.11 19.09
C PRO B 189 -22.01 14.54 19.47
N LEU B 190 -23.02 15.41 19.55
CA LEU B 190 -22.73 16.81 19.84
C LEU B 190 -22.19 16.99 21.27
N GLU B 191 -22.58 16.08 22.17
CA GLU B 191 -22.12 16.11 23.56
C GLU B 191 -20.59 16.13 23.71
N VAL B 192 -19.88 15.34 22.93
CA VAL B 192 -18.44 15.20 23.12
C VAL B 192 -17.66 16.40 22.59
N ILE B 193 -18.32 17.27 21.84
CA ILE B 193 -17.65 18.52 21.46
C ILE B 193 -18.40 19.77 21.94
N LYS B 194 -19.55 19.60 22.56
CA LYS B 194 -20.29 20.73 23.13
C LYS B 194 -19.49 21.33 24.29
N GLY B 195 -18.87 22.49 24.07
CA GLY B 195 -17.98 23.07 25.05
C GLY B 195 -16.65 22.34 25.20
N GLY B 196 -15.63 23.06 25.62
CA GLY B 196 -14.28 22.53 25.68
C GLY B 196 -13.55 22.91 24.41
N ARG B 197 -12.32 22.42 24.23
CA ARG B 197 -11.53 22.71 23.03
C ARG B 197 -11.19 21.44 22.27
N HIS B 198 -11.43 21.44 20.97
CA HIS B 198 -11.32 20.21 20.20
C HIS B 198 -10.69 20.39 18.82
N LEU B 199 -10.03 19.33 18.37
CA LEU B 199 -9.36 19.29 17.08
C LEU B 199 -9.98 18.15 16.27
N ILE B 200 -10.48 18.51 15.10
CA ILE B 200 -10.96 17.50 14.18
C ILE B 200 -10.11 17.60 12.93
N PHE B 201 -9.52 16.48 12.53
CA PHE B 201 -8.77 16.37 11.29
C PHE B 201 -9.63 15.84 10.14
N CYS B 202 -9.67 16.58 9.04
CA CYS B 202 -10.27 16.12 7.80
C CYS B 202 -9.17 16.06 6.73
N HIS B 203 -9.38 15.29 5.68
CA HIS B 203 -8.32 15.05 4.71
C HIS B 203 -8.17 16.21 3.74
N SER B 204 -9.27 16.93 3.51
CA SER B 204 -9.28 18.01 2.51
C SER B 204 -9.82 19.32 3.08
N LYS B 205 -9.42 20.42 2.46
CA LYS B 205 -9.88 21.74 2.88
C LYS B 205 -11.39 21.85 2.62
N LYS B 206 -11.85 21.33 1.50
CA LYS B 206 -13.27 21.32 1.20
C LYS B 206 -14.06 20.67 2.34
N LYS B 207 -13.55 19.55 2.85
CA LYS B 207 -14.25 18.82 3.89
C LYS B 207 -14.25 19.56 5.23
N CYS B 208 -13.19 20.33 5.47
CA CYS B 208 -13.09 21.11 6.68
C CYS B 208 -14.14 22.20 6.75
N ASP B 209 -14.32 22.90 5.63
CA ASP B 209 -15.32 23.97 5.54
C ASP B 209 -16.72 23.45 5.75
N GLU B 210 -17.06 22.35 5.08
CA GLU B 210 -18.42 21.80 5.22
C GLU B 210 -18.72 21.39 6.65
N LEU B 211 -17.75 20.75 7.29
CA LEU B 211 -17.95 20.27 8.66
C LEU B 211 -18.06 21.48 9.60
N ALA B 212 -17.15 22.43 9.47
CA ALA B 212 -17.18 23.60 10.32
C ALA B 212 -18.52 24.33 10.17
N ALA B 213 -19.01 24.41 8.92
CA ALA B 213 -20.26 25.08 8.62
C ALA B 213 -21.42 24.39 9.33
N LYS B 214 -21.43 23.07 9.33
CA LYS B 214 -22.52 22.38 9.99
C LYS B 214 -22.38 22.45 11.51
N LEU B 215 -21.15 22.58 12.00
CA LEU B 215 -20.97 22.76 13.44
C LEU B 215 -21.52 24.11 13.89
N VAL B 216 -21.20 25.17 13.14
CA VAL B 216 -21.72 26.49 13.48
C VAL B 216 -23.25 26.51 13.46
N ALA B 217 -23.85 25.84 12.50
CA ALA B 217 -25.31 25.81 12.39
C ALA B 217 -25.95 25.03 13.55
N LEU B 218 -25.12 24.49 14.44
CA LEU B 218 -25.61 23.79 15.62
C LEU B 218 -25.17 24.47 16.91
N GLY B 219 -24.54 25.63 16.79
CA GLY B 219 -24.21 26.45 17.94
C GLY B 219 -22.83 26.20 18.50
N ILE B 220 -22.01 25.48 17.73
CA ILE B 220 -20.62 25.23 18.11
C ILE B 220 -19.70 26.29 17.48
N ASN B 221 -18.71 26.72 18.25
CA ASN B 221 -17.68 27.63 17.76
C ASN B 221 -16.63 26.88 16.91
N ALA B 222 -16.92 26.72 15.63
CA ALA B 222 -16.07 25.94 14.73
C ALA B 222 -15.30 26.79 13.73
N VAL B 223 -13.97 26.72 13.82
CA VAL B 223 -13.12 27.33 12.82
C VAL B 223 -12.47 26.25 11.95
N ALA B 224 -12.40 26.50 10.64
CA ALA B 224 -11.68 25.66 9.71
C ALA B 224 -10.25 26.20 9.50
N TYR B 225 -9.28 25.28 9.37
CA TYR B 225 -7.88 25.66 9.08
C TYR B 225 -7.25 24.76 8.03
N TYR B 226 -6.50 25.38 7.11
CA TYR B 226 -5.80 24.66 6.05
C TYR B 226 -4.79 25.62 5.43
N ARG B 227 -3.89 25.08 4.62
CA ARG B 227 -2.83 25.91 4.00
C ARG B 227 -3.46 27.10 3.29
N GLY B 228 -3.13 28.29 3.80
CA GLY B 228 -3.65 29.52 3.22
C GLY B 228 -4.31 30.40 4.26
N LEU B 229 -4.41 29.89 5.48
CA LEU B 229 -5.02 30.64 6.60
C LEU B 229 -3.97 30.79 7.72
N ASP B 230 -4.21 31.67 8.69
CA ASP B 230 -3.20 31.98 9.71
C ASP B 230 -3.66 32.04 11.16
N VAL B 231 -4.36 33.13 11.48
CA VAL B 231 -4.60 33.58 12.86
C VAL B 231 -5.90 33.06 13.46
N SER B 232 -6.79 32.60 12.58
CA SER B 232 -8.18 32.35 12.92
C SER B 232 -8.39 31.41 14.11
N VAL B 233 -7.33 30.75 14.57
CA VAL B 233 -7.48 29.89 15.75
C VAL B 233 -7.41 30.77 16.98
N ILE B 234 -8.36 30.49 17.88
CA ILE B 234 -8.62 31.29 19.07
C ILE B 234 -7.71 30.83 20.21
N PRO B 235 -6.65 31.64 20.61
CA PRO B 235 -5.85 31.03 21.67
C PRO B 235 -6.54 31.11 23.02
N THR B 236 -7.29 32.21 23.24
CA THR B 236 -8.06 32.40 24.46
C THR B 236 -8.77 31.09 24.82
N ASN B 237 -8.54 30.58 26.03
CA ASN B 237 -9.16 29.32 26.46
C ASN B 237 -10.73 29.17 26.29
N GLY B 238 -11.33 30.07 25.52
CA GLY B 238 -12.69 29.80 25.09
C GLY B 238 -12.88 28.51 24.31
N ASP B 239 -14.10 27.97 24.43
CA ASP B 239 -14.55 26.80 23.72
C ASP B 239 -14.31 26.98 22.23
N VAL B 240 -13.83 25.93 21.57
CA VAL B 240 -13.64 25.96 20.11
C VAL B 240 -13.40 24.55 19.58
N VAL B 241 -13.90 24.31 18.37
CA VAL B 241 -13.48 23.13 17.63
C VAL B 241 -12.76 23.61 16.37
N VAL B 242 -11.54 23.16 16.24
CA VAL B 242 -10.76 23.41 15.04
C VAL B 242 -10.98 22.26 14.09
N VAL B 243 -11.51 22.55 12.90
CA VAL B 243 -11.52 21.57 11.84
C VAL B 243 -10.40 21.85 10.84
N SER B 244 -9.35 21.04 10.85
CA SER B 244 -8.23 21.30 9.95
C SER B 244 -7.66 20.07 9.23
N THR B 245 -6.85 20.37 8.22
CA THR B 245 -5.99 19.41 7.56
C THR B 245 -4.71 19.29 8.40
N ASP B 246 -3.67 18.66 7.86
CA ASP B 246 -2.41 18.55 8.61
C ASP B 246 -1.57 19.81 8.51
N ALA B 247 -2.09 20.83 7.85
CA ALA B 247 -1.43 22.14 7.78
C ALA B 247 -1.19 22.76 9.17
N LEU B 248 -1.96 22.32 10.17
CA LEU B 248 -1.85 22.90 11.51
C LEU B 248 -0.44 22.76 12.13
N GLY B 254 -1.58 26.20 20.97
CA GLY B 254 -2.58 25.91 21.99
C GLY B 254 -2.62 24.42 22.23
N ASP B 255 -3.56 23.96 23.07
CA ASP B 255 -3.74 22.51 23.16
C ASP B 255 -5.17 22.09 23.52
N PHE B 256 -5.43 20.79 23.32
CA PHE B 256 -6.80 20.28 23.13
C PHE B 256 -7.22 19.16 24.06
N ASP B 257 -8.50 19.18 24.43
CA ASP B 257 -9.11 18.16 25.26
C ASP B 257 -9.27 16.86 24.48
N SER B 258 -9.50 16.98 23.17
CA SER B 258 -9.69 15.80 22.35
C SER B 258 -9.25 16.02 20.89
N VAL B 259 -8.95 14.91 20.23
CA VAL B 259 -8.70 14.87 18.79
C VAL B 259 -9.73 13.94 18.16
N ILE B 260 -10.31 14.34 17.04
CA ILE B 260 -11.12 13.42 16.26
C ILE B 260 -10.54 13.31 14.84
N ASP B 261 -10.21 12.08 14.48
CA ASP B 261 -9.38 11.78 13.32
C ASP B 261 -10.17 11.02 12.27
N CYS B 262 -10.24 11.58 11.07
CA CYS B 262 -10.82 10.86 9.94
C CYS B 262 -9.92 9.66 9.54
N ASN B 263 -8.71 9.61 10.11
CA ASN B 263 -7.74 8.54 9.84
C ASN B 263 -7.47 8.36 8.35
N THR B 264 -7.75 9.37 7.53
CA THR B 264 -7.32 9.34 6.13
C THR B 264 -6.39 10.50 5.79
N CYS B 265 -5.66 10.36 4.69
N CYS B 265 -5.63 10.35 4.70
CA CYS B 265 -4.78 11.41 4.21
CA CYS B 265 -4.71 11.38 4.24
C CYS B 265 -4.70 11.43 2.69
C CYS B 265 -4.66 11.41 2.71
N VAL B 266 -4.13 12.49 2.16
CA VAL B 266 -3.96 12.64 0.75
C VAL B 266 -2.46 12.57 0.43
N THR B 267 -2.10 11.86 -0.64
CA THR B 267 -0.70 11.71 -1.05
C THR B 267 -0.52 11.77 -2.57
N GLN B 268 0.68 12.15 -2.98
CA GLN B 268 0.98 12.20 -4.39
C GLN B 268 1.31 10.79 -4.88
N THR B 269 0.77 10.45 -6.06
CA THR B 269 1.10 9.19 -6.72
C THR B 269 1.37 9.44 -8.20
N VAL B 270 2.12 8.53 -8.80
CA VAL B 270 2.28 8.57 -10.24
C VAL B 270 1.36 7.49 -10.82
N ASP B 271 0.56 7.84 -11.83
CA ASP B 271 -0.13 6.79 -12.57
C ASP B 271 0.47 6.58 -13.95
N PHE B 272 0.81 5.34 -14.26
CA PHE B 272 1.28 4.99 -15.59
C PHE B 272 0.11 4.73 -16.53
N SER B 273 -0.50 5.83 -16.95
CA SER B 273 -1.83 5.86 -17.54
C SER B 273 -1.93 5.83 -19.08
N LEU B 274 -0.81 5.99 -19.78
CA LEU B 274 -0.76 5.80 -21.24
C LEU B 274 -1.66 6.72 -22.01
N ASP B 275 -1.84 7.92 -21.50
CA ASP B 275 -2.74 8.87 -22.10
C ASP B 275 -2.13 10.27 -22.24
N PRO B 276 -0.93 10.37 -22.84
CA PRO B 276 -0.15 9.36 -23.58
C PRO B 276 0.88 8.59 -22.75
N THR B 277 1.32 9.15 -21.63
CA THR B 277 2.44 8.56 -20.88
C THR B 277 2.16 8.31 -19.40
N PHE B 278 2.32 9.33 -18.57
CA PHE B 278 2.02 9.15 -17.15
C PHE B 278 1.30 10.34 -16.55
N THR B 279 0.76 10.13 -15.36
CA THR B 279 -0.02 11.17 -14.69
C THR B 279 0.44 11.27 -13.26
N ILE B 280 0.86 12.48 -12.86
CA ILE B 280 1.10 12.76 -11.44
C ILE B 280 -0.24 13.21 -10.88
N GLU B 281 -0.73 12.52 -9.86
CA GLU B 281 -2.06 12.83 -9.31
C GLU B 281 -2.04 12.70 -7.78
N THR B 282 -3.19 12.86 -7.16
CA THR B 282 -3.26 12.72 -5.71
C THR B 282 -4.30 11.67 -5.37
N THR B 283 -3.98 10.80 -4.42
CA THR B 283 -4.95 9.81 -3.94
C THR B 283 -5.21 9.97 -2.45
N THR B 284 -6.35 9.48 -2.02
CA THR B 284 -6.74 9.44 -0.63
C THR B 284 -6.41 8.07 -0.08
N LEU B 285 -5.74 8.04 1.07
CA LEU B 285 -5.27 6.77 1.63
C LEU B 285 -5.54 6.71 3.10
N PRO B 286 -5.61 5.49 3.65
CA PRO B 286 -5.57 5.33 5.10
C PRO B 286 -4.26 5.90 5.65
N GLN B 287 -4.33 6.70 6.70
CA GLN B 287 -3.13 7.29 7.28
C GLN B 287 -2.19 6.20 7.70
N ASP B 288 -0.91 6.53 7.80
CA ASP B 288 0.02 5.56 8.35
C ASP B 288 0.36 5.92 9.77
N ALA B 289 1.25 5.13 10.36
CA ALA B 289 1.51 5.21 11.79
C ALA B 289 2.07 6.56 12.23
N VAL B 290 2.96 7.17 11.43
CA VAL B 290 3.47 8.47 11.86
C VAL B 290 2.37 9.53 11.81
N SER B 291 1.49 9.46 10.82
CA SER B 291 0.39 10.41 10.72
C SER B 291 -0.57 10.25 11.90
N ARG B 292 -0.91 8.99 12.23
CA ARG B 292 -1.84 8.75 13.33
C ARG B 292 -1.24 9.20 14.64
N THR B 293 -0.01 8.75 14.90
CA THR B 293 0.69 9.14 16.13
C THR B 293 0.73 10.66 16.30
N GLN B 294 1.04 11.34 15.21
CA GLN B 294 1.20 12.79 15.22
C GLN B 294 -0.14 13.54 15.47
N ARG B 295 -1.23 13.06 14.87
CA ARG B 295 -2.53 13.69 15.03
C ARG B 295 -3.09 13.49 16.44
N ARG B 296 -2.98 12.25 16.90
CA ARG B 296 -3.40 11.90 18.24
C ARG B 296 -2.60 12.71 19.25
N GLY B 297 -1.33 12.94 18.93
CA GLY B 297 -0.44 13.67 19.81
C GLY B 297 -0.75 15.14 20.04
N ARG B 298 -1.78 15.68 19.39
CA ARG B 298 -2.12 17.07 19.64
C ARG B 298 -3.19 17.19 20.73
N THR B 299 -3.45 16.08 21.41
CA THR B 299 -4.21 16.05 22.65
C THR B 299 -3.37 15.36 23.72
N GLY B 300 -3.73 15.56 24.98
CA GLY B 300 -3.16 14.82 26.08
C GLY B 300 -1.71 15.16 26.38
N ARG B 301 -1.37 16.44 26.26
CA ARG B 301 -0.03 16.93 26.59
C ARG B 301 -0.07 17.67 27.94
N GLY B 302 0.40 17.01 28.98
CA GLY B 302 0.16 17.46 30.33
C GLY B 302 -1.12 16.80 30.82
N LYS B 303 -2.22 17.54 30.75
CA LYS B 303 -3.53 17.03 31.14
C LYS B 303 -3.92 15.82 30.28
N PRO B 304 -4.63 14.84 30.85
CA PRO B 304 -5.10 13.72 30.02
C PRO B 304 -6.03 14.16 28.88
N GLY B 305 -6.11 13.34 27.84
CA GLY B 305 -6.85 13.69 26.64
C GLY B 305 -7.53 12.51 25.98
N ILE B 306 -8.50 12.79 25.10
CA ILE B 306 -9.23 11.74 24.41
C ILE B 306 -8.94 11.72 22.90
N TYR B 307 -8.81 10.52 22.34
CA TYR B 307 -8.66 10.35 20.89
C TYR B 307 -9.84 9.57 20.36
N ARG B 308 -10.56 10.15 19.39
CA ARG B 308 -11.71 9.47 18.80
C ARG B 308 -11.50 9.23 17.30
N PHE B 309 -11.82 8.03 16.84
CA PHE B 309 -11.45 7.65 15.50
C PHE B 309 -12.52 6.96 14.68
N VAL B 310 -12.35 7.08 13.38
CA VAL B 310 -13.15 6.40 12.39
C VAL B 310 -12.74 4.94 12.14
N ALA B 311 -11.43 4.72 12.10
CA ALA B 311 -10.86 3.42 11.78
C ALA B 311 -9.83 3.03 12.83
N PRO B 312 -9.87 1.77 13.27
CA PRO B 312 -9.01 1.38 14.38
C PRO B 312 -7.56 1.16 13.95
N GLY B 313 -7.32 1.11 12.64
CA GLY B 313 -6.01 0.73 12.14
C GLY B 313 -5.34 1.71 11.18
N GLU B 314 -4.14 1.35 10.75
CA GLU B 314 -3.26 2.19 9.93
C GLU B 314 -2.60 1.47 8.76
N ARG B 315 -2.08 2.25 7.84
CA ARG B 315 -1.03 1.80 6.93
C ARG B 315 0.22 1.62 7.78
N PRO B 316 0.97 0.52 7.56
CA PRO B 316 2.23 0.54 8.30
C PRO B 316 3.21 1.49 7.59
N SER B 317 4.11 2.13 8.34
CA SER B 317 5.09 3.02 7.72
C SER B 317 6.13 2.22 6.94
N GLY B 318 6.81 2.86 5.98
CA GLY B 318 8.00 2.27 5.34
C GLY B 318 7.93 2.08 3.83
N MET B 319 7.06 2.85 3.20
CA MET B 319 6.78 2.76 1.78
C MET B 319 6.54 4.15 1.17
N PHE B 320 7.00 4.35 -0.07
CA PHE B 320 6.68 5.59 -0.79
C PHE B 320 6.58 5.40 -2.30
N ASP B 321 6.00 6.38 -2.96
CA ASP B 321 5.52 6.30 -4.33
C ASP B 321 6.62 6.57 -5.35
N SER B 322 6.46 6.05 -6.57
CA SER B 322 7.45 6.25 -7.62
C SER B 322 7.55 7.73 -8.01
N SER B 323 6.49 8.49 -7.79
CA SER B 323 6.53 9.92 -8.02
C SER B 323 7.60 10.62 -7.16
N VAL B 324 7.97 10.05 -6.01
CA VAL B 324 9.01 10.68 -5.23
C VAL B 324 10.35 10.57 -5.98
N LEU B 325 10.54 9.46 -6.69
CA LEU B 325 11.76 9.29 -7.47
C LEU B 325 11.76 10.38 -8.51
N CYS B 326 10.62 10.51 -9.18
CA CYS B 326 10.46 11.51 -10.21
C CYS B 326 10.82 12.90 -9.67
N GLU B 327 10.31 13.26 -8.47
CA GLU B 327 10.65 14.55 -7.84
C GLU B 327 12.16 14.70 -7.71
N CYS B 328 12.84 13.63 -7.29
CA CYS B 328 14.28 13.66 -7.05
C CYS B 328 15.08 14.00 -8.30
N TYR B 329 14.68 13.44 -9.45
CA TYR B 329 15.33 13.71 -10.73
C TYR B 329 14.98 15.11 -11.22
N ASP B 330 13.77 15.55 -10.89
CA ASP B 330 13.36 16.87 -11.30
C ASP B 330 14.21 17.84 -10.53
N ALA B 331 14.32 17.60 -9.22
CA ALA B 331 15.06 18.52 -8.35
C ALA B 331 16.56 18.44 -8.61
N GLY B 332 17.04 17.25 -8.98
CA GLY B 332 18.41 17.11 -9.45
C GLY B 332 18.74 18.00 -10.66
N CYS B 333 17.83 18.05 -11.64
CA CYS B 333 18.07 18.86 -12.82
C CYS B 333 17.80 20.35 -12.58
N ALA B 334 16.82 20.66 -11.74
CA ALA B 334 16.41 22.06 -11.51
C ALA B 334 17.28 22.81 -10.51
N TRP B 335 17.67 22.17 -9.42
CA TRP B 335 18.28 22.86 -8.28
C TRP B 335 19.74 22.50 -8.02
N TYR B 336 20.08 21.23 -8.20
CA TYR B 336 21.35 20.75 -7.68
C TYR B 336 22.38 20.52 -8.77
N GLU B 337 22.08 20.93 -9.99
CA GLU B 337 22.95 20.66 -11.12
C GLU B 337 23.45 19.21 -11.09
N LEU B 338 22.51 18.27 -11.13
CA LEU B 338 22.87 16.86 -11.17
C LEU B 338 22.43 16.24 -12.50
N MET B 339 23.39 15.71 -13.25
CA MET B 339 23.09 14.79 -14.34
C MET B 339 22.19 13.69 -13.78
N PRO B 340 21.23 13.23 -14.60
CA PRO B 340 20.34 12.13 -14.21
C PRO B 340 21.08 10.89 -13.67
N ALA B 341 22.27 10.59 -14.18
CA ALA B 341 22.99 9.41 -13.72
C ALA B 341 23.61 9.66 -12.33
N GLU B 342 24.01 10.91 -12.05
CA GLU B 342 24.47 11.27 -10.72
C GLU B 342 23.34 11.15 -9.70
N THR B 343 22.12 11.44 -10.15
CA THR B 343 20.96 11.30 -9.27
C THR B 343 20.69 9.82 -9.00
N THR B 344 20.80 9.00 -10.05
CA THR B 344 20.66 7.54 -9.94
C THR B 344 21.62 6.99 -8.91
N VAL B 345 22.84 7.49 -8.93
CA VAL B 345 23.92 6.95 -8.12
C VAL B 345 23.58 7.18 -6.65
N ARG B 346 22.92 8.30 -6.35
CA ARG B 346 22.61 8.63 -4.97
C ARG B 346 21.37 7.87 -4.50
N LEU B 347 20.35 7.85 -5.35
CA LEU B 347 19.17 7.03 -5.12
C LEU B 347 19.46 5.51 -5.04
N ARG B 348 20.33 5.02 -5.92
CA ARG B 348 20.71 3.61 -5.88
C ARG B 348 21.33 3.20 -4.53
N ALA B 349 22.14 4.09 -3.95
CA ALA B 349 22.79 3.80 -2.67
C ALA B 349 21.76 3.74 -1.57
N TYR B 350 20.76 4.60 -1.70
CA TYR B 350 19.63 4.53 -0.81
C TYR B 350 18.97 3.15 -0.91
N MET B 351 18.55 2.78 -2.11
CA MET B 351 17.87 1.50 -2.29
C MET B 351 18.71 0.25 -1.93
N ASN B 352 20.04 0.35 -1.94
CA ASN B 352 20.86 -0.79 -1.53
C ASN B 352 21.02 -0.89 -0.03
N THR B 353 20.57 0.15 0.69
CA THR B 353 20.64 0.18 2.14
C THR B 353 19.40 -0.42 2.81
N PRO B 354 19.57 -1.55 3.50
CA PRO B 354 18.48 -2.19 4.25
C PRO B 354 17.98 -1.37 5.44
N GLY B 355 16.70 -1.51 5.79
CA GLY B 355 16.14 -0.81 6.94
C GLY B 355 15.52 0.54 6.60
N LEU B 356 15.50 0.87 5.31
CA LEU B 356 15.01 2.16 4.86
C LEU B 356 13.67 1.99 4.18
N PRO B 357 12.88 3.08 4.06
CA PRO B 357 11.61 3.00 3.38
C PRO B 357 11.80 2.51 1.95
N VAL B 358 10.86 1.70 1.46
CA VAL B 358 11.05 0.99 0.20
C VAL B 358 10.17 1.61 -0.88
N CYS B 359 10.65 1.55 -2.11
CA CYS B 359 10.00 2.12 -3.28
C CYS B 359 10.07 1.16 -4.46
N GLN B 360 9.16 1.29 -5.42
CA GLN B 360 9.36 0.63 -6.72
C GLN B 360 10.71 1.08 -7.28
N ASP B 361 11.43 0.15 -7.92
CA ASP B 361 12.72 0.44 -8.54
C ASP B 361 12.50 0.94 -9.96
N HIS B 362 12.17 2.24 -10.09
CA HIS B 362 11.99 2.86 -11.38
C HIS B 362 13.15 3.81 -11.75
N LEU B 363 14.30 3.60 -11.15
CA LEU B 363 15.47 4.46 -11.32
C LEU B 363 15.91 4.54 -12.78
N GLU B 364 16.01 3.40 -13.44
CA GLU B 364 16.37 3.41 -14.87
C GLU B 364 15.30 4.09 -15.71
N PHE B 365 14.04 3.88 -15.34
CA PHE B 365 12.98 4.56 -16.05
C PHE B 365 13.10 6.07 -15.98
N TRP B 366 13.25 6.60 -14.77
CA TRP B 366 13.20 8.06 -14.60
C TRP B 366 14.47 8.68 -15.18
N GLU B 367 15.59 8.00 -14.95
CA GLU B 367 16.84 8.44 -15.51
C GLU B 367 16.72 8.57 -17.02
N GLY B 368 16.01 7.63 -17.63
CA GLY B 368 15.78 7.65 -19.06
C GLY B 368 14.93 8.81 -19.53
N VAL B 369 13.81 9.09 -18.86
CA VAL B 369 12.97 10.20 -19.36
C VAL B 369 13.69 11.55 -19.21
N PHE B 370 14.30 11.84 -18.06
CA PHE B 370 14.95 13.16 -17.87
C PHE B 370 16.16 13.31 -18.79
N THR B 371 16.88 12.22 -19.02
CA THR B 371 17.97 12.19 -19.99
C THR B 371 17.45 12.65 -21.36
N GLY B 372 16.22 12.27 -21.71
CA GLY B 372 15.63 12.70 -22.96
C GLY B 372 15.17 14.17 -23.00
N LEU B 373 14.95 14.80 -21.85
CA LEU B 373 14.40 16.16 -21.83
C LEU B 373 15.45 17.25 -22.17
N THR B 374 15.77 17.42 -23.44
CA THR B 374 16.94 18.24 -23.78
C THR B 374 16.52 19.62 -24.23
N HIS B 375 17.47 20.56 -24.14
CA HIS B 375 17.24 21.95 -24.52
C HIS B 375 16.02 22.56 -23.84
N ILE B 376 15.92 22.45 -22.53
CA ILE B 376 14.86 23.18 -21.85
C ILE B 376 15.12 24.69 -22.00
N ASP B 377 14.05 25.48 -22.18
CA ASP B 377 14.14 26.94 -22.13
C ASP B 377 14.54 27.36 -20.74
N ALA B 378 15.69 28.00 -20.60
CA ALA B 378 16.24 28.36 -19.29
C ALA B 378 15.35 29.35 -18.55
N HIS B 379 14.60 30.17 -19.27
CA HIS B 379 13.84 31.25 -18.63
C HIS B 379 12.53 30.71 -18.05
N PHE B 380 11.93 29.76 -18.74
CA PHE B 380 10.78 29.05 -18.18
C PHE B 380 11.21 28.30 -16.90
N LEU B 381 12.38 27.67 -16.95
CA LEU B 381 12.89 26.93 -15.81
C LEU B 381 13.01 27.83 -14.59
N SER B 382 13.61 29.01 -14.79
CA SER B 382 13.70 30.02 -13.73
C SER B 382 12.34 30.31 -13.15
N GLN B 383 11.38 30.53 -14.03
CA GLN B 383 10.03 30.91 -13.61
C GLN B 383 9.31 29.80 -12.84
N THR B 384 9.42 28.56 -13.31
CA THR B 384 8.75 27.46 -12.59
C THR B 384 9.45 27.18 -11.26
N LYS B 385 10.76 27.38 -11.18
CA LYS B 385 11.51 27.18 -9.95
C LYS B 385 11.10 28.24 -8.92
N GLN B 386 11.12 29.49 -9.36
CA GLN B 386 10.75 30.64 -8.54
C GLN B 386 9.29 30.64 -8.03
N SER B 387 8.40 30.03 -8.79
CA SER B 387 6.99 30.06 -8.43
C SER B 387 6.65 28.92 -7.47
N GLY B 388 7.53 27.94 -7.37
CA GLY B 388 7.31 26.87 -6.43
C GLY B 388 6.37 25.79 -6.93
N GLU B 389 6.27 25.62 -8.25
CA GLU B 389 5.59 24.46 -8.81
C GLU B 389 6.29 23.21 -8.27
N ASN B 390 5.57 22.10 -8.19
CA ASN B 390 6.14 20.90 -7.58
C ASN B 390 7.10 20.13 -8.47
N PHE B 391 6.91 20.21 -9.78
CA PHE B 391 7.86 19.59 -10.68
C PHE B 391 8.33 20.64 -11.67
N PRO B 392 9.12 21.61 -11.16
CA PRO B 392 9.54 22.75 -11.98
C PRO B 392 10.18 22.34 -13.30
N TYR B 393 11.05 21.33 -13.32
CA TYR B 393 11.64 20.90 -14.59
C TYR B 393 10.56 20.39 -15.56
N LEU B 394 9.63 19.55 -15.07
CA LEU B 394 8.61 18.99 -15.96
C LEU B 394 7.64 20.05 -16.49
N VAL B 395 7.22 20.98 -15.63
CA VAL B 395 6.31 22.03 -16.09
C VAL B 395 7.00 22.83 -17.19
N ALA B 396 8.23 23.24 -16.93
CA ALA B 396 8.94 24.16 -17.81
C ALA B 396 9.33 23.46 -19.11
N TYR B 397 9.57 22.16 -19.03
CA TYR B 397 9.88 21.42 -20.24
C TYR B 397 8.64 21.35 -21.10
N GLN B 398 7.50 21.09 -20.48
CA GLN B 398 6.25 21.06 -21.24
C GLN B 398 5.95 22.44 -21.83
N ALA B 399 6.20 23.49 -21.06
CA ALA B 399 6.04 24.84 -21.58
C ALA B 399 6.94 25.06 -22.79
N THR B 400 8.18 24.58 -22.69
CA THR B 400 9.18 24.74 -23.74
C THR B 400 8.75 24.09 -25.06
N VAL B 401 8.28 22.87 -24.97
CA VAL B 401 7.73 22.16 -26.13
C VAL B 401 6.47 22.86 -26.72
N CYS B 402 5.63 23.44 -25.87
CA CYS B 402 4.54 24.29 -26.35
C CYS B 402 5.05 25.52 -27.12
N ALA B 403 5.92 26.31 -26.48
CA ALA B 403 6.55 27.48 -27.11
C ALA B 403 7.16 27.19 -28.48
N ARG B 404 7.91 26.09 -28.61
CA ARG B 404 8.59 25.84 -29.88
C ARG B 404 7.56 25.49 -30.94
N ALA B 405 6.61 24.63 -30.57
CA ALA B 405 5.52 24.25 -31.46
C ALA B 405 4.39 25.28 -31.48
N GLN B 406 4.60 26.41 -30.80
CA GLN B 406 3.68 27.54 -30.85
C GLN B 406 2.28 27.17 -30.35
N ALA B 407 2.20 26.12 -29.53
CA ALA B 407 0.94 25.58 -29.05
C ALA B 407 0.60 26.01 -27.61
N PRO B 408 -0.70 26.01 -27.24
CA PRO B 408 -1.19 26.36 -25.89
C PRO B 408 -0.74 25.36 -24.83
N PRO B 409 -0.71 25.77 -23.55
CA PRO B 409 -0.47 24.82 -22.45
C PRO B 409 -1.71 23.99 -22.20
N PRO B 410 -1.55 22.77 -21.64
CA PRO B 410 -2.63 21.82 -21.37
C PRO B 410 -3.86 22.45 -20.71
N SER B 411 -3.64 23.45 -19.88
CA SER B 411 -4.73 24.20 -19.29
C SER B 411 -4.24 25.64 -19.10
N TRP B 412 -4.94 26.40 -18.27
CA TRP B 412 -4.47 27.72 -17.94
C TRP B 412 -4.50 27.91 -16.44
N ASP B 413 -4.51 26.80 -15.71
CA ASP B 413 -4.25 26.88 -14.29
C ASP B 413 -2.86 27.49 -14.09
N GLN B 414 -2.61 28.00 -12.89
CA GLN B 414 -1.49 28.90 -12.66
C GLN B 414 -0.11 28.34 -13.00
N MET B 415 0.07 27.02 -12.97
CA MET B 415 1.40 26.46 -13.20
C MET B 415 1.94 26.77 -14.61
N TRP B 416 1.06 27.09 -15.56
CA TRP B 416 1.49 27.42 -16.93
C TRP B 416 1.70 28.91 -17.21
N LYS B 417 1.91 29.72 -16.16
CA LYS B 417 1.94 31.18 -16.29
C LYS B 417 3.19 31.76 -16.98
N CYS B 418 4.25 30.96 -17.06
CA CYS B 418 5.42 31.35 -17.83
C CYS B 418 5.10 31.51 -19.33
N LEU B 419 3.89 31.11 -19.71
CA LEU B 419 3.48 31.15 -21.11
C LEU B 419 2.52 32.30 -21.43
N ILE B 420 2.17 33.10 -20.43
CA ILE B 420 1.19 34.18 -20.56
C ILE B 420 1.44 35.09 -21.79
N ARG B 421 2.68 35.13 -22.29
CA ARG B 421 3.00 35.77 -23.57
C ARG B 421 2.39 34.94 -24.72
N LEU B 422 1.07 35.08 -24.88
CA LEU B 422 0.21 34.00 -25.34
C LEU B 422 -0.44 34.10 -26.72
N LYS B 423 -0.79 35.31 -27.17
CA LYS B 423 -1.52 35.44 -28.44
C LYS B 423 -0.96 34.57 -29.59
N PRO B 424 0.38 34.44 -29.71
CA PRO B 424 0.85 33.40 -30.63
C PRO B 424 0.51 31.99 -30.14
N THR B 425 0.85 31.69 -28.90
CA THR B 425 0.80 30.31 -28.40
C THR B 425 -0.57 29.82 -27.86
N LEU B 426 -1.66 30.01 -28.62
CA LEU B 426 -2.92 29.28 -28.36
C LEU B 426 -3.52 28.88 -29.69
N HIS B 427 -2.75 28.05 -30.36
CA HIS B 427 -2.76 27.93 -31.79
C HIS B 427 -2.52 26.45 -32.08
N GLY B 428 -3.63 25.73 -31.93
CA GLY B 428 -3.76 24.30 -32.14
C GLY B 428 -3.77 23.50 -30.86
N PRO B 429 -3.59 22.19 -31.03
CA PRO B 429 -3.57 21.21 -29.95
C PRO B 429 -2.34 21.34 -29.08
N THR B 430 -2.45 20.89 -27.84
CA THR B 430 -1.30 20.83 -26.96
C THR B 430 -0.55 19.53 -27.18
N PRO B 431 0.72 19.62 -27.56
CA PRO B 431 1.56 18.42 -27.62
C PRO B 431 1.87 17.93 -26.22
N LEU B 432 1.06 16.99 -25.77
CA LEU B 432 1.08 16.56 -24.38
C LEU B 432 2.16 15.51 -24.13
N LEU B 433 3.09 15.84 -23.23
CA LEU B 433 4.21 14.96 -22.88
C LEU B 433 3.86 13.96 -21.77
N TYR B 434 2.93 14.40 -20.91
CA TYR B 434 2.58 13.76 -19.65
C TYR B 434 1.52 14.63 -18.98
N ARG B 435 0.82 14.12 -17.97
CA ARG B 435 -0.21 14.95 -17.36
C ARG B 435 0.18 15.36 -15.93
N LEU B 436 0.28 16.66 -15.70
CA LEU B 436 0.72 17.23 -14.41
C LEU B 436 -0.47 17.85 -13.68
N GLY B 437 -1.64 17.66 -14.27
CA GLY B 437 -2.88 18.19 -13.73
C GLY B 437 -3.96 18.06 -14.78
N ALA B 438 -5.10 18.69 -14.50
CA ALA B 438 -6.24 18.63 -15.39
C ALA B 438 -5.88 19.20 -16.76
N VAL B 439 -6.23 18.45 -17.80
CA VAL B 439 -6.05 18.93 -19.15
C VAL B 439 -7.36 19.57 -19.58
N GLN B 440 -7.31 20.60 -20.40
CA GLN B 440 -8.52 21.27 -20.84
C GLN B 440 -8.52 21.43 -22.34
N ASN B 441 -7.31 21.41 -22.91
CA ASN B 441 -7.11 21.72 -24.31
C ASN B 441 -7.10 20.47 -25.17
N GLU B 442 -7.40 20.63 -26.45
CA GLU B 442 -7.22 19.55 -27.40
C GLU B 442 -5.74 19.16 -27.40
N VAL B 443 -5.46 17.87 -27.49
CA VAL B 443 -4.07 17.44 -27.44
C VAL B 443 -3.64 16.68 -28.69
N THR B 444 -2.35 16.77 -28.99
CA THR B 444 -1.71 15.90 -29.97
C THR B 444 -0.64 15.03 -29.30
N LEU B 445 -0.56 13.77 -29.72
CA LEU B 445 0.33 12.74 -29.14
C LEU B 445 1.57 12.52 -29.99
N THR B 446 1.80 13.41 -30.92
CA THR B 446 2.71 13.13 -32.00
C THR B 446 4.09 13.71 -31.78
N HIS B 447 4.32 14.35 -30.63
CA HIS B 447 5.65 14.91 -30.37
C HIS B 447 6.67 13.77 -30.18
N PRO B 448 7.88 13.97 -30.70
CA PRO B 448 8.99 13.01 -30.51
C PRO B 448 9.22 12.64 -29.05
N ILE B 449 9.31 13.66 -28.19
CA ILE B 449 9.58 13.42 -26.76
C ILE B 449 8.50 12.56 -26.08
N THR B 450 7.24 12.82 -26.41
CA THR B 450 6.13 11.93 -26.04
C THR B 450 6.40 10.49 -26.52
N LYS B 451 6.78 10.34 -27.80
CA LYS B 451 7.08 8.99 -28.31
C LYS B 451 8.28 8.42 -27.58
N TYR B 452 9.22 9.29 -27.24
CA TYR B 452 10.36 8.88 -26.46
C TYR B 452 9.99 8.39 -25.05
N ILE B 453 9.15 9.14 -24.33
CA ILE B 453 8.83 8.75 -22.95
C ILE B 453 8.06 7.45 -22.96
N MET B 454 7.13 7.35 -23.92
CA MET B 454 6.37 6.12 -24.14
C MET B 454 7.30 4.91 -24.29
N THR B 455 8.42 5.11 -24.99
CA THR B 455 9.29 3.99 -25.25
C THR B 455 10.03 3.62 -23.96
N CYS B 456 10.38 4.63 -23.17
CA CYS B 456 11.00 4.39 -21.86
C CYS B 456 10.02 3.59 -20.97
N MET B 457 8.74 3.92 -21.03
CA MET B 457 7.76 3.19 -20.23
C MET B 457 7.70 1.72 -20.64
N SER B 458 7.69 1.45 -21.94
CA SER B 458 7.64 0.06 -22.41
C SER B 458 8.90 -0.73 -22.10
N ALA B 459 10.07 -0.09 -22.20
CA ALA B 459 11.34 -0.83 -22.06
C ALA B 459 11.84 -0.92 -20.64
N ASP B 460 11.48 0.08 -19.82
CA ASP B 460 12.00 0.08 -18.44
C ASP B 460 10.97 -0.49 -17.45
N LEU B 461 9.67 -0.28 -17.69
CA LEU B 461 8.61 -0.75 -16.76
C LEU B 461 7.89 -2.00 -17.29
#